data_5WTT
#
_entry.id   5WTT
#
_cell.length_a   41.883
_cell.length_b   214.437
_cell.length_c   50.045
_cell.angle_alpha   90.00
_cell.angle_beta   92.81
_cell.angle_gamma   90.00
#
_symmetry.space_group_name_H-M   'P 1 21 1'
#
loop_
_entity.id
_entity.type
_entity.pdbx_description
1 polymer 'Heavy chain of 093G9 Fab'
2 polymer 'Light chain of 093G9 Fab'
3 polymer 'Epitope peptide of Cyr61'
4 water water
#
loop_
_entity_poly.entity_id
_entity_poly.type
_entity_poly.pdbx_seq_one_letter_code
_entity_poly.pdbx_strand_id
1 'polypeptide(L)'
;MRVLILLCLFTAFPGILSDVQLQESGPDLVKPSQSPSLTCTVTGYSITSDYSWHWIRQFPGDKLEWMGYIHYSGSTNYNP
SLKSRISITRDTSKNQFFLQLSSVTIEDTATYYCARGTIYEGSLDYWGQGTTLTVSSAKTTPPSVYPLAPGSAAQTNSMV
TLGCLVKGYFPEPVTVTWNSGSLSSGVHTFPAVLQSDLYTLSSSVTVPSSTWPSETVTCNVAHPASSTKVDKKIVPRDCG
C
;
H,A
2 'polypeptide(L)'
;MMSPAQFLFLLVLWIQETNGDVVMTQTPLTLSVTIGQPASISCKSSQSLLYSDGKTYLNWLFQRPGQSPKRLIYLVSKLD
SGVPDRFTGSGSGIDFKLKISRVEAEDLGVYYCVQGTHFPQTFGGGTKLEIKRADAAPTVSIFPPSSEQLTSGGASVVCF
LNNFYPKDINVKWKIDGSERQNGVLNSWTDQDSKDSTYSMSSTLTLTKDEYERHNSYTCEATHKTSTSPIVKSFNRNEC
;
L,B
3 'polypeptide(L)' CGLECNFG P,C
#
# COMPACT_ATOMS: atom_id res chain seq x y z
N ASP A 19 11.54 5.10 21.18
CA ASP A 19 11.09 5.13 19.77
C ASP A 19 12.20 5.57 18.82
N VAL A 20 11.80 6.12 17.67
CA VAL A 20 12.68 6.72 16.70
C VAL A 20 12.31 8.20 16.55
N GLN A 21 13.30 9.08 16.70
CA GLN A 21 13.11 10.51 16.49
C GLN A 21 14.14 11.11 15.54
N LEU A 22 13.73 12.18 14.86
CA LEU A 22 14.59 12.90 13.93
C LEU A 22 14.60 14.38 14.27
N GLN A 23 15.80 14.97 14.29
CA GLN A 23 15.94 16.40 14.54
C GLN A 23 16.73 17.08 13.44
N GLU A 24 16.16 18.17 12.93
CA GLU A 24 16.77 18.97 11.86
C GLU A 24 17.60 20.08 12.48
N SER A 25 18.72 20.41 11.85
CA SER A 25 19.54 21.56 12.24
C SER A 25 20.20 22.22 11.04
N GLY A 26 20.64 23.46 11.23
CA GLY A 26 21.31 24.23 10.18
C GLY A 26 21.12 25.70 10.37
N PRO A 27 21.53 26.51 9.38
CA PRO A 27 21.34 27.96 9.47
C PRO A 27 19.86 28.35 9.28
N ASP A 28 19.42 29.33 10.06
CA ASP A 28 18.07 29.88 9.92
C ASP A 28 17.99 30.80 8.72
N LEU A 29 19.02 31.63 8.55
CA LEU A 29 19.06 32.66 7.52
C LEU A 29 20.25 32.47 6.60
N VAL A 30 20.02 32.71 5.32
CA VAL A 30 21.03 32.54 4.27
C VAL A 30 20.81 33.59 3.18
N LYS A 31 21.89 34.10 2.61
CA LYS A 31 21.82 35.06 1.51
C LYS A 31 21.71 34.33 0.16
N PRO A 32 20.97 34.90 -0.80
CA PRO A 32 20.83 34.28 -2.13
C PRO A 32 22.16 34.01 -2.84
N SER A 33 22.13 33.07 -3.78
CA SER A 33 23.33 32.57 -4.49
C SER A 33 24.37 31.85 -3.61
N GLN A 34 24.01 31.51 -2.37
CA GLN A 34 24.86 30.73 -1.48
C GLN A 34 24.54 29.24 -1.53
N SER A 35 25.36 28.43 -0.88
CA SER A 35 25.20 26.98 -0.90
C SER A 35 25.23 26.36 0.51
N PRO A 36 24.12 26.51 1.28
CA PRO A 36 24.05 26.03 2.66
C PRO A 36 23.75 24.54 2.76
N SER A 37 23.87 24.00 3.97
CA SER A 37 23.62 22.59 4.25
C SER A 37 22.79 22.39 5.52
N LEU A 38 21.81 21.50 5.42
CA LEU A 38 21.01 21.09 6.57
C LEU A 38 21.43 19.71 7.09
N THR A 39 21.30 19.50 8.38
CA THR A 39 21.64 18.24 9.02
C THR A 39 20.42 17.61 9.67
N CYS A 40 20.24 16.31 9.43
CA CYS A 40 19.24 15.53 10.15
C CYS A 40 19.97 14.58 11.09
N THR A 41 19.78 14.78 12.39
CA THR A 41 20.30 13.89 13.41
C THR A 41 19.19 12.91 13.79
N VAL A 42 19.48 11.62 13.66
CA VAL A 42 18.52 10.56 13.99
C VAL A 42 18.97 9.75 15.20
N THR A 43 18.04 9.49 16.12
CA THR A 43 18.31 8.61 17.27
C THR A 43 17.20 7.59 17.43
N GLY A 44 17.58 6.38 17.85
CA GLY A 44 16.63 5.28 18.08
C GLY A 44 16.66 4.22 17.02
N TYR A 45 17.49 4.44 15.98
CA TYR A 45 17.61 3.50 14.85
C TYR A 45 18.81 3.88 13.99
N SER A 46 19.45 2.88 13.40
CA SER A 46 20.64 3.10 12.56
C SER A 46 20.27 3.35 11.11
N ILE A 47 20.76 4.46 10.56
CA ILE A 47 20.49 4.81 9.15
C ILE A 47 21.11 3.82 8.17
N THR A 48 21.71 2.77 8.71
CA THR A 48 22.46 1.79 7.93
C THR A 48 21.81 0.41 7.85
N SER A 49 20.75 0.21 8.59
CA SER A 49 20.14 -1.11 8.72
C SER A 49 19.10 -1.46 7.65
N ASP A 50 18.08 -0.61 7.48
CA ASP A 50 16.99 -0.96 6.57
C ASP A 50 16.49 0.16 5.67
N TYR A 51 16.02 1.26 6.26
CA TYR A 51 15.10 2.18 5.54
C TYR A 51 15.74 3.14 4.54
N SER A 52 14.89 4.02 3.98
CA SER A 52 15.33 5.17 3.20
C SER A 52 15.16 6.43 4.04
N TRP A 53 15.96 7.46 3.74
CA TRP A 53 16.04 8.65 4.57
C TRP A 53 15.91 9.88 3.71
N HIS A 54 14.82 10.62 3.94
CA HIS A 54 14.31 11.59 2.98
C HIS A 54 14.44 13.03 3.41
N TRP A 55 14.28 13.92 2.44
CA TRP A 55 14.12 15.35 2.71
C TRP A 55 12.88 15.86 2.02
N ILE A 56 12.09 16.65 2.74
CA ILE A 56 10.89 17.29 2.22
C ILE A 56 10.87 18.74 2.67
N ARG A 57 10.41 19.62 1.80
CA ARG A 57 10.28 21.06 2.11
C ARG A 57 8.83 21.49 2.02
N GLN A 58 8.46 22.44 2.87
CA GLN A 58 7.10 23.00 2.87
C GLN A 58 7.15 24.52 2.62
N PHE A 59 6.68 24.95 1.45
CA PHE A 59 6.64 26.37 1.09
C PHE A 59 5.54 27.12 1.86
N PRO A 60 5.65 28.45 1.94
CA PRO A 60 4.50 29.30 2.30
C PRO A 60 3.29 28.99 1.42
N GLY A 61 2.13 28.85 2.04
CA GLY A 61 0.93 28.28 1.41
C GLY A 61 0.84 26.81 1.77
N ASP A 62 1.83 26.34 2.51
CA ASP A 62 1.93 24.97 3.05
C ASP A 62 1.97 23.86 1.99
N LYS A 63 2.42 24.22 0.79
CA LYS A 63 2.65 23.29 -0.31
C LYS A 63 3.91 22.45 -0.03
N LEU A 64 3.75 21.14 -0.07
CA LEU A 64 4.84 20.20 0.26
C LEU A 64 5.45 19.57 -0.99
N GLU A 65 6.78 19.53 -1.03
CA GLU A 65 7.52 18.93 -2.17
C GLU A 65 8.55 17.92 -1.68
N TRP A 66 8.47 16.70 -2.19
CA TRP A 66 9.46 15.66 -1.91
C TRP A 66 10.74 15.99 -2.68
N MET A 67 11.86 15.93 -1.98
CA MET A 67 13.14 16.35 -2.56
C MET A 67 14.02 15.16 -3.01
N GLY A 68 14.25 14.22 -2.10
CA GLY A 68 15.05 13.04 -2.39
C GLY A 68 15.30 12.19 -1.17
N TYR A 69 16.14 11.17 -1.32
CA TYR A 69 16.48 10.28 -0.21
C TYR A 69 17.88 9.66 -0.30
N ILE A 70 18.37 9.19 0.83
CA ILE A 70 19.58 8.37 0.91
C ILE A 70 19.19 7.00 1.46
N HIS A 71 19.42 5.97 0.64
CA HIS A 71 19.06 4.58 0.97
C HIS A 71 20.01 4.03 2.01
N TYR A 72 19.58 2.99 2.72
CA TYR A 72 20.42 2.37 3.76
C TYR A 72 21.73 1.82 3.20
N SER A 73 21.70 1.45 1.92
CA SER A 73 22.87 0.97 1.20
C SER A 73 23.82 2.10 0.85
N GLY A 74 23.32 3.34 0.87
CA GLY A 74 24.12 4.52 0.50
C GLY A 74 23.72 5.10 -0.84
N SER A 75 22.80 4.44 -1.53
CA SER A 75 22.32 4.90 -2.82
C SER A 75 21.46 6.15 -2.65
N THR A 76 21.47 7.03 -3.64
CA THR A 76 20.65 8.23 -3.62
C THR A 76 19.74 8.34 -4.82
N ASN A 77 18.68 9.13 -4.67
CA ASN A 77 17.80 9.49 -5.79
C ASN A 77 17.05 10.78 -5.47
N TYR A 78 16.90 11.63 -6.47
CA TYR A 78 16.30 12.96 -6.29
C TYR A 78 15.11 13.22 -7.19
N ASN A 79 14.34 14.24 -6.84
CA ASN A 79 13.26 14.75 -7.66
C ASN A 79 13.80 15.31 -8.99
N PRO A 80 13.26 14.85 -10.12
CA PRO A 80 13.67 15.29 -11.46
C PRO A 80 13.76 16.80 -11.64
N SER A 81 12.94 17.55 -10.89
CA SER A 81 12.94 19.01 -10.96
C SER A 81 14.06 19.64 -10.12
N LEU A 82 14.75 18.80 -9.35
CA LEU A 82 15.85 19.23 -8.48
C LEU A 82 17.10 18.37 -8.67
N LYS A 83 17.11 17.59 -9.75
CA LYS A 83 18.15 16.57 -10.03
C LYS A 83 19.61 17.06 -9.92
N SER A 84 19.87 18.27 -10.38
CA SER A 84 21.22 18.80 -10.48
C SER A 84 21.53 19.87 -9.42
N ARG A 85 20.49 20.60 -9.01
CA ARG A 85 20.64 21.70 -8.06
C ARG A 85 20.92 21.26 -6.61
N ILE A 86 20.54 20.05 -6.25
CA ILE A 86 20.75 19.53 -4.90
C ILE A 86 21.55 18.23 -4.86
N SER A 87 22.02 17.86 -3.67
CA SER A 87 22.66 16.57 -3.43
C SER A 87 22.52 16.15 -1.98
N ILE A 88 22.41 14.84 -1.74
CA ILE A 88 22.24 14.29 -0.40
C ILE A 88 23.37 13.33 -0.04
N THR A 89 23.94 13.51 1.15
CA THR A 89 25.06 12.69 1.62
C THR A 89 24.76 12.22 3.03
N ARG A 90 25.66 11.42 3.61
CA ARG A 90 25.50 10.90 4.96
C ARG A 90 26.81 10.67 5.70
N ASP A 91 26.74 10.61 7.03
CA ASP A 91 27.87 10.26 7.88
C ASP A 91 27.50 9.11 8.80
N THR A 92 28.00 7.92 8.45
CA THR A 92 27.62 6.68 9.16
C THR A 92 28.10 6.65 10.61
N SER A 93 29.25 7.26 10.87
CA SER A 93 29.84 7.32 12.21
C SER A 93 29.04 8.20 13.18
N LYS A 94 28.49 9.30 12.65
CA LYS A 94 27.69 10.24 13.45
C LYS A 94 26.20 9.88 13.47
N ASN A 95 25.79 9.02 12.54
CA ASN A 95 24.37 8.66 12.35
C ASN A 95 23.54 9.88 11.90
N GLN A 96 24.02 10.52 10.83
CA GLN A 96 23.42 11.73 10.30
C GLN A 96 23.47 11.74 8.78
N PHE A 97 22.48 12.40 8.18
CA PHE A 97 22.49 12.63 6.74
C PHE A 97 22.24 14.10 6.43
N PHE A 98 22.71 14.54 5.27
CA PHE A 98 22.79 15.98 4.96
C PHE A 98 22.12 16.33 3.64
N LEU A 99 21.60 17.55 3.57
CA LEU A 99 21.04 18.09 2.34
C LEU A 99 21.83 19.32 1.90
N GLN A 100 22.34 19.29 0.69
CA GLN A 100 23.17 20.36 0.21
C GLN A 100 22.49 21.19 -0.81
N LEU A 101 22.12 22.40 -0.46
CA LEU A 101 21.53 23.30 -1.45
C LEU A 101 22.62 23.96 -2.26
N SER A 102 22.29 24.48 -3.42
CA SER A 102 23.33 25.05 -4.28
C SER A 102 22.82 26.21 -5.08
N SER A 103 23.51 27.35 -5.01
CA SER A 103 23.15 28.56 -5.71
C SER A 103 21.70 28.93 -5.43
N VAL A 104 21.42 29.00 -4.15
CA VAL A 104 20.11 29.25 -3.60
C VAL A 104 19.42 30.56 -3.99
N THR A 105 18.09 30.54 -4.06
CA THR A 105 17.30 31.76 -4.31
C THR A 105 16.28 31.98 -3.19
N ILE A 106 15.56 33.11 -3.23
CA ILE A 106 14.54 33.42 -2.22
C ILE A 106 13.32 32.49 -2.29
N GLU A 107 13.13 31.84 -3.44
CA GLU A 107 12.05 30.88 -3.63
C GLU A 107 12.33 29.57 -2.90
N ASP A 108 13.57 29.38 -2.46
CA ASP A 108 13.94 28.23 -1.64
C ASP A 108 13.54 28.42 -0.17
N THR A 109 12.98 29.57 0.14
CA THR A 109 12.51 29.87 1.50
C THR A 109 11.38 28.91 1.85
N ALA A 110 11.64 28.07 2.87
CA ALA A 110 10.73 27.02 3.29
C ALA A 110 11.07 26.43 4.64
N THR A 111 10.22 25.55 5.16
CA THR A 111 10.56 24.72 6.31
C THR A 111 11.00 23.35 5.79
N TYR A 112 12.23 22.96 6.13
CA TYR A 112 12.81 21.70 5.63
C TYR A 112 12.68 20.57 6.65
N TYR A 113 12.04 19.49 6.23
CA TYR A 113 11.79 18.31 7.06
C TYR A 113 12.61 17.13 6.57
N CYS A 114 13.09 16.33 7.50
CA CYS A 114 13.67 15.02 7.17
C CYS A 114 12.74 13.90 7.64
N ALA A 115 12.77 12.77 6.94
CA ALA A 115 11.87 11.66 7.24
C ALA A 115 12.48 10.29 6.95
N ARG A 116 11.96 9.27 7.64
CA ARG A 116 12.28 7.88 7.33
C ARG A 116 11.17 7.34 6.41
N GLY A 117 11.56 6.55 5.41
CA GLY A 117 10.61 5.98 4.46
C GLY A 117 10.71 4.46 4.32
N THR A 118 9.56 3.83 4.13
CA THR A 118 9.48 2.38 3.89
C THR A 118 9.05 2.13 2.44
N ILE A 119 9.70 1.17 1.79
CA ILE A 119 9.30 0.76 0.45
C ILE A 119 8.14 -0.23 0.50
N TYR A 120 7.97 -0.89 1.65
CA TYR A 120 6.88 -1.85 1.85
C TYR A 120 5.55 -1.14 2.02
N GLU A 121 5.56 -0.02 2.75
CA GLU A 121 4.37 0.75 3.01
C GLU A 121 4.24 1.92 2.03
N GLY A 122 5.30 2.14 1.24
CA GLY A 122 5.36 3.19 0.22
C GLY A 122 5.12 4.59 0.77
N SER A 123 5.51 4.81 2.02
CA SER A 123 5.25 6.06 2.72
C SER A 123 6.37 6.47 3.65
N LEU A 124 6.25 7.68 4.20
CA LEU A 124 7.13 8.19 5.23
C LEU A 124 6.43 7.96 6.58
N ASP A 125 7.06 7.19 7.45
CA ASP A 125 6.44 6.81 8.71
C ASP A 125 6.77 7.75 9.89
N TYR A 126 7.99 8.24 9.94
CA TYR A 126 8.40 9.17 10.99
C TYR A 126 8.82 10.53 10.41
N TRP A 127 8.46 11.58 11.11
CA TRP A 127 8.77 12.93 10.71
C TRP A 127 9.56 13.64 11.81
N GLY A 128 10.37 14.61 11.42
CA GLY A 128 11.07 15.46 12.36
C GLY A 128 10.40 16.81 12.50
N GLN A 129 10.75 17.54 13.58
CA GLN A 129 10.27 18.91 13.74
C GLN A 129 11.21 19.80 12.94
N GLY A 130 10.75 20.20 11.76
CA GLY A 130 11.60 20.84 10.76
C GLY A 130 12.36 22.09 11.16
N THR A 131 13.20 22.57 10.24
CA THR A 131 13.93 23.81 10.41
C THR A 131 13.56 24.79 9.31
N THR A 132 13.23 26.01 9.72
CA THR A 132 12.89 27.07 8.77
C THR A 132 14.16 27.70 8.24
N LEU A 133 14.30 27.69 6.91
CA LEU A 133 15.45 28.29 6.24
C LEU A 133 14.96 29.42 5.34
N THR A 134 15.19 30.65 5.81
CA THR A 134 14.78 31.84 5.06
C THR A 134 15.94 32.34 4.20
N VAL A 135 15.61 32.73 2.98
CA VAL A 135 16.63 33.26 2.03
C VAL A 135 16.30 34.70 1.70
N SER A 136 17.18 35.62 2.08
CA SER A 136 17.02 37.06 1.86
C SER A 136 18.35 37.78 1.90
N SER A 137 18.44 38.89 1.17
CA SER A 137 19.67 39.69 1.13
C SER A 137 19.58 40.92 2.05
N ALA A 138 18.38 41.18 2.57
CA ALA A 138 18.10 42.31 3.45
C ALA A 138 18.99 42.33 4.69
N LYS A 139 19.39 43.54 5.09
CA LYS A 139 20.24 43.78 6.26
C LYS A 139 19.41 43.81 7.55
N THR A 140 20.04 43.50 8.69
CA THR A 140 19.38 43.54 10.00
C THR A 140 18.92 44.96 10.37
N THR A 141 17.63 45.23 10.19
CA THR A 141 17.07 46.55 10.46
C THR A 141 16.00 46.50 11.57
N PRO A 142 16.02 47.47 12.51
CA PRO A 142 15.04 47.50 13.59
C PRO A 142 13.72 48.12 13.14
N PRO A 143 12.62 47.82 13.85
CA PRO A 143 11.32 48.30 13.40
C PRO A 143 11.02 49.72 13.83
N SER A 144 10.22 50.42 13.03
CA SER A 144 9.60 51.67 13.45
C SER A 144 8.27 51.30 14.10
N VAL A 145 8.02 51.83 15.29
CA VAL A 145 6.81 51.53 16.04
C VAL A 145 5.85 52.72 16.02
N TYR A 146 4.66 52.51 15.47
CA TYR A 146 3.67 53.58 15.32
C TYR A 146 2.39 53.33 16.10
N PRO A 147 1.90 54.34 16.86
CA PRO A 147 0.65 54.24 17.60
C PRO A 147 -0.58 54.41 16.70
N LEU A 148 -1.66 53.72 17.04
CA LEU A 148 -2.91 53.84 16.31
C LEU A 148 -4.06 54.19 17.24
N ALA A 149 -4.63 55.38 17.03
CA ALA A 149 -5.74 55.89 17.84
C ALA A 149 -6.88 56.35 16.93
N PRO A 150 -8.13 56.27 17.42
CA PRO A 150 -9.28 56.65 16.59
C PRO A 150 -9.61 58.14 16.62
N GLY A 151 -10.48 58.56 15.70
CA GLY A 151 -11.09 59.90 15.71
C GLY A 151 -12.59 59.75 15.83
N SER A 152 -13.13 60.12 17.00
CA SER A 152 -14.54 59.92 17.36
C SER A 152 -14.87 58.43 17.52
N SER A 158 -18.74 52.36 23.49
CA SER A 158 -18.95 51.06 24.13
C SER A 158 -17.60 50.40 24.43
N MET A 159 -17.02 49.81 23.39
CA MET A 159 -15.68 49.22 23.42
C MET A 159 -14.77 50.02 22.51
N VAL A 160 -13.52 50.22 22.92
CA VAL A 160 -12.56 50.97 22.10
C VAL A 160 -11.36 50.11 21.70
N THR A 161 -11.07 50.09 20.39
CA THR A 161 -9.97 49.33 19.83
C THR A 161 -8.78 50.25 19.54
N LEU A 162 -7.65 49.96 20.18
CA LEU A 162 -6.40 50.65 19.89
C LEU A 162 -5.49 49.76 19.05
N GLY A 163 -4.45 50.35 18.46
CA GLY A 163 -3.55 49.61 17.59
C GLY A 163 -2.07 49.97 17.73
N CYS A 164 -1.25 49.15 17.09
CA CYS A 164 0.19 49.31 17.07
C CYS A 164 0.74 48.77 15.77
N LEU A 165 1.53 49.58 15.07
CA LEU A 165 2.09 49.21 13.79
C LEU A 165 3.61 49.10 13.88
N VAL A 166 4.14 47.91 13.63
CA VAL A 166 5.60 47.73 13.59
C VAL A 166 6.04 47.59 12.13
N LYS A 167 6.83 48.56 11.67
CA LYS A 167 7.06 48.73 10.25
C LYS A 167 8.55 48.63 9.88
N GLY A 168 8.84 47.76 8.91
CA GLY A 168 10.14 47.69 8.28
C GLY A 168 11.24 47.06 9.11
N TYR A 169 11.00 45.84 9.59
CA TYR A 169 12.03 45.11 10.35
C TYR A 169 12.50 43.84 9.66
N PHE A 170 13.75 43.48 9.91
CA PHE A 170 14.34 42.22 9.45
C PHE A 170 15.49 41.83 10.37
N PRO A 171 15.60 40.54 10.73
CA PRO A 171 14.69 39.45 10.38
C PRO A 171 13.58 39.26 11.41
N GLU A 172 12.83 38.16 11.27
CA GLU A 172 11.86 37.73 12.28
C GLU A 172 12.61 37.01 13.42
N PRO A 173 12.05 36.92 14.64
CA PRO A 173 10.68 37.33 15.01
C PRO A 173 10.62 38.74 15.63
N VAL A 174 9.38 39.18 15.85
CA VAL A 174 9.12 40.34 16.71
C VAL A 174 8.18 39.93 17.85
N THR A 175 8.46 40.41 19.05
CA THR A 175 7.58 40.22 20.20
C THR A 175 6.75 41.48 20.43
N VAL A 176 5.44 41.35 20.29
CA VAL A 176 4.51 42.43 20.61
C VAL A 176 3.71 42.10 21.87
N THR A 177 3.77 42.99 22.85
CA THR A 177 3.05 42.81 24.12
C THR A 177 2.27 44.07 24.46
N TRP A 178 1.19 43.92 25.22
CA TRP A 178 0.40 45.07 25.64
C TRP A 178 0.43 45.24 27.14
N ASN A 179 0.80 46.44 27.59
CA ASN A 179 1.04 46.76 28.99
C ASN A 179 2.05 45.81 29.66
N SER A 180 3.22 45.69 29.04
CA SER A 180 4.34 44.88 29.51
C SER A 180 4.02 43.41 29.79
N GLY A 181 2.83 42.97 29.34
CA GLY A 181 2.38 41.59 29.54
C GLY A 181 1.11 41.47 30.33
N SER A 182 0.44 42.60 30.56
CA SER A 182 -0.77 42.63 31.39
C SER A 182 -2.04 42.36 30.62
N LEU A 183 -2.03 42.64 29.32
CA LEU A 183 -3.20 42.48 28.45
C LEU A 183 -3.00 41.37 27.43
N SER A 184 -3.97 40.45 27.38
CA SER A 184 -3.95 39.32 26.47
C SER A 184 -5.35 38.91 26.02
N SER A 185 -6.37 39.50 26.64
CA SER A 185 -7.77 39.15 26.39
C SER A 185 -8.29 39.69 25.06
N GLY A 186 -7.96 40.94 24.72
CA GLY A 186 -8.44 41.52 23.47
C GLY A 186 -7.39 41.62 22.40
N VAL A 187 -6.20 41.08 22.69
CA VAL A 187 -5.03 41.19 21.82
C VAL A 187 -5.16 40.32 20.56
N HIS A 188 -5.06 40.96 19.40
CA HIS A 188 -4.95 40.26 18.14
C HIS A 188 -3.67 40.66 17.44
N THR A 189 -2.66 39.79 17.52
CA THR A 189 -1.39 40.06 16.84
C THR A 189 -1.32 39.29 15.52
N PHE A 190 -1.09 40.03 14.44
CA PHE A 190 -1.18 39.50 13.09
C PHE A 190 0.17 39.04 12.54
N PRO A 191 0.18 37.99 11.70
CA PRO A 191 1.39 37.53 11.04
C PRO A 191 2.07 38.66 10.25
N ALA A 192 3.40 38.65 10.24
CA ALA A 192 4.17 39.60 9.48
C ALA A 192 4.00 39.38 7.98
N VAL A 193 3.94 40.48 7.23
CA VAL A 193 3.87 40.44 5.78
C VAL A 193 5.10 41.15 5.20
N LEU A 194 5.51 40.76 4.00
CA LEU A 194 6.68 41.34 3.37
C LEU A 194 6.37 42.60 2.57
N GLN A 195 7.01 43.70 2.98
CA GLN A 195 7.11 44.90 2.17
C GLN A 195 8.38 44.72 1.30
N SER A 196 8.99 45.81 0.85
CA SER A 196 10.22 45.73 0.06
C SER A 196 11.36 45.15 0.92
N ASP A 197 11.50 43.82 0.84
CA ASP A 197 12.52 43.06 1.61
C ASP A 197 12.48 43.29 3.13
N LEU A 198 11.34 43.76 3.65
CA LEU A 198 11.20 44.08 5.06
C LEU A 198 9.83 43.66 5.61
N TYR A 199 9.81 43.24 6.88
CA TYR A 199 8.59 42.75 7.53
C TYR A 199 7.76 43.85 8.18
N THR A 200 6.45 43.65 8.20
CA THR A 200 5.50 44.58 8.81
C THR A 200 4.33 43.81 9.43
N LEU A 201 4.16 43.94 10.74
CA LEU A 201 2.99 43.36 11.41
C LEU A 201 2.14 44.38 12.14
N SER A 202 0.88 44.05 12.34
CA SER A 202 -0.02 44.86 13.14
C SER A 202 -0.47 44.10 14.38
N SER A 203 -0.85 44.87 15.40
CA SER A 203 -1.49 44.33 16.60
C SER A 203 -2.60 45.27 17.03
N SER A 204 -3.74 44.68 17.41
CA SER A 204 -4.86 45.45 17.94
C SER A 204 -5.20 45.00 19.36
N VAL A 205 -5.75 45.91 20.14
CA VAL A 205 -6.30 45.60 21.45
C VAL A 205 -7.62 46.32 21.67
N THR A 206 -8.65 45.56 22.04
CA THR A 206 -9.97 46.11 22.36
C THR A 206 -10.16 46.18 23.89
N VAL A 207 -10.48 47.38 24.38
CA VAL A 207 -10.59 47.64 25.81
C VAL A 207 -11.84 48.43 26.17
N PRO A 208 -12.25 48.42 27.47
CA PRO A 208 -13.35 49.25 27.96
C PRO A 208 -13.06 50.75 27.88
N SER A 209 -14.06 51.52 27.47
CA SER A 209 -13.95 52.97 27.31
C SER A 209 -13.74 53.66 28.66
N SER A 210 -14.10 52.98 29.74
CA SER A 210 -13.87 53.47 31.09
C SER A 210 -12.38 53.44 31.45
N THR A 211 -11.62 52.60 30.75
CA THR A 211 -10.18 52.48 30.97
C THR A 211 -9.37 53.29 29.95
N TRP A 212 -10.06 53.92 28.99
CA TRP A 212 -9.40 54.71 27.95
C TRP A 212 -10.10 56.01 27.65
N PRO A 213 -9.36 57.13 27.59
CA PRO A 213 -7.91 57.25 27.83
C PRO A 213 -7.56 57.43 29.30
N SER A 214 -8.52 57.14 30.18
CA SER A 214 -8.38 57.28 31.64
C SER A 214 -7.09 56.64 32.15
N GLU A 215 -6.82 55.42 31.67
CA GLU A 215 -5.60 54.71 32.03
C GLU A 215 -4.64 54.56 30.85
N THR A 216 -3.37 54.36 31.17
CA THR A 216 -2.31 54.34 30.16
C THR A 216 -2.20 52.98 29.49
N VAL A 217 -2.28 52.98 28.16
CA VAL A 217 -2.14 51.76 27.36
C VAL A 217 -0.87 51.85 26.51
N THR A 218 0.01 50.87 26.68
CA THR A 218 1.32 50.87 26.01
C THR A 218 1.54 49.62 25.16
N CYS A 219 1.97 49.85 23.92
CA CYS A 219 2.41 48.79 23.02
C CYS A 219 3.91 48.52 23.25
N ASN A 220 4.23 47.27 23.55
CA ASN A 220 5.62 46.87 23.83
C ASN A 220 6.17 46.02 22.70
N VAL A 221 7.27 46.47 22.11
CA VAL A 221 7.85 45.79 20.95
C VAL A 221 9.31 45.44 21.22
N ALA A 222 9.68 44.21 20.90
CA ALA A 222 11.06 43.75 20.99
C ALA A 222 11.49 43.07 19.69
N HIS A 223 12.72 43.36 19.28
CA HIS A 223 13.32 42.77 18.08
C HIS A 223 14.73 42.36 18.44
N PRO A 224 14.88 41.16 19.03
CA PRO A 224 16.16 40.74 19.61
C PRO A 224 17.29 40.58 18.61
N ALA A 225 16.92 40.45 17.33
CA ALA A 225 17.90 40.37 16.24
C ALA A 225 18.76 41.63 16.15
N SER A 226 18.12 42.79 16.20
CA SER A 226 18.83 44.09 16.18
C SER A 226 19.13 44.59 17.59
N SER A 227 18.66 43.84 18.59
CA SER A 227 18.79 44.19 20.02
C SER A 227 18.12 45.53 20.34
N THR A 228 16.82 45.60 20.08
CA THR A 228 16.03 46.83 20.23
C THR A 228 14.72 46.54 20.95
N LYS A 229 14.42 47.36 21.94
CA LYS A 229 13.14 47.29 22.66
C LYS A 229 12.51 48.68 22.61
N VAL A 230 11.34 48.79 22.01
CA VAL A 230 10.62 50.06 21.93
C VAL A 230 9.30 49.97 22.67
N ASP A 231 9.04 50.98 23.50
CA ASP A 231 7.73 51.15 24.12
C ASP A 231 7.02 52.37 23.56
N LYS A 232 5.80 52.18 23.08
CA LYS A 232 5.01 53.27 22.53
C LYS A 232 3.67 53.37 23.23
N LYS A 233 3.49 54.46 23.99
CA LYS A 233 2.24 54.74 24.67
C LYS A 233 1.29 55.43 23.71
N ILE A 234 0.06 54.91 23.62
CA ILE A 234 -0.95 55.46 22.72
C ILE A 234 -1.58 56.70 23.36
N VAL A 235 -1.69 57.76 22.56
CA VAL A 235 -2.25 59.04 23.00
C VAL A 235 -3.48 59.36 22.15
N PRO A 236 -4.59 59.81 22.79
CA PRO A 236 -5.80 60.19 22.05
C PRO A 236 -5.53 61.30 21.03
N ARG A 237 -6.17 61.21 19.87
CA ARG A 237 -6.04 62.23 18.83
C ARG A 237 -6.90 63.45 19.10
N ASP B 21 4.88 14.13 -13.06
CA ASP B 21 4.28 14.31 -11.70
C ASP B 21 2.78 14.05 -11.74
N VAL B 22 2.32 13.15 -10.89
CA VAL B 22 0.88 12.93 -10.73
C VAL B 22 0.31 13.97 -9.78
N VAL B 23 -0.67 14.73 -10.27
CA VAL B 23 -1.34 15.77 -9.50
C VAL B 23 -2.38 15.13 -8.56
N MET B 24 -2.42 15.62 -7.33
CA MET B 24 -3.34 15.10 -6.32
C MET B 24 -4.30 16.22 -5.91
N THR B 25 -5.58 16.03 -6.23
CA THR B 25 -6.59 17.06 -6.00
C THR B 25 -7.50 16.70 -4.81
N GLN B 26 -7.50 17.54 -3.79
CA GLN B 26 -8.33 17.33 -2.60
C GLN B 26 -9.66 18.12 -2.68
N THR B 27 -10.70 17.57 -2.06
CA THR B 27 -11.99 18.22 -1.97
C THR B 27 -12.60 18.06 -0.56
N PRO B 28 -12.96 19.17 0.11
CA PRO B 28 -12.81 20.55 -0.41
C PRO B 28 -11.54 21.19 0.09
N LEU B 29 -11.38 22.49 -0.14
CA LEU B 29 -10.20 23.23 0.34
C LEU B 29 -10.31 23.47 1.83
N THR B 30 -11.48 23.94 2.28
CA THR B 30 -11.77 24.14 3.70
C THR B 30 -13.05 23.40 4.09
N LEU B 31 -13.04 22.82 5.28
CA LEU B 31 -14.14 22.00 5.78
C LEU B 31 -14.59 22.49 7.15
N SER B 32 -15.89 22.78 7.26
CA SER B 32 -16.47 23.28 8.51
C SER B 32 -17.22 22.17 9.21
N VAL B 33 -16.87 21.93 10.48
CA VAL B 33 -17.46 20.81 11.23
C VAL B 33 -17.82 21.19 12.67
N THR B 34 -19.03 20.81 13.09
CA THR B 34 -19.42 20.89 14.50
C THR B 34 -18.80 19.73 15.25
N ILE B 35 -18.22 20.02 16.41
CA ILE B 35 -17.60 18.99 17.24
C ILE B 35 -18.57 17.84 17.47
N GLY B 36 -18.13 16.63 17.17
CA GLY B 36 -18.95 15.42 17.33
C GLY B 36 -19.60 14.92 16.06
N GLN B 37 -19.48 15.68 14.97
CA GLN B 37 -20.14 15.35 13.70
C GLN B 37 -19.19 14.68 12.69
N PRO B 38 -19.73 14.00 11.67
CA PRO B 38 -18.89 13.32 10.68
C PRO B 38 -18.33 14.24 9.58
N ALA B 39 -17.16 13.89 9.09
CA ALA B 39 -16.48 14.66 8.04
C ALA B 39 -15.75 13.76 7.06
N SER B 40 -15.61 14.23 5.81
CA SER B 40 -15.00 13.46 4.73
C SER B 40 -14.10 14.30 3.85
N ILE B 41 -12.86 13.85 3.66
CA ILE B 41 -11.94 14.50 2.73
C ILE B 41 -11.73 13.55 1.57
N SER B 42 -11.92 14.08 0.37
CA SER B 42 -11.76 13.29 -0.86
C SER B 42 -10.47 13.67 -1.56
N CYS B 43 -9.82 12.67 -2.15
CA CYS B 43 -8.60 12.85 -2.91
C CYS B 43 -8.77 12.21 -4.28
N LYS B 44 -8.39 12.93 -5.32
CA LYS B 44 -8.44 12.41 -6.69
C LYS B 44 -7.08 12.58 -7.37
N SER B 45 -6.60 11.51 -7.98
CA SER B 45 -5.30 11.57 -8.68
C SER B 45 -5.43 11.61 -10.20
N SER B 46 -4.47 12.24 -10.85
CA SER B 46 -4.43 12.32 -12.32
C SER B 46 -4.10 10.99 -12.97
N GLN B 47 -3.48 10.09 -12.20
CA GLN B 47 -3.18 8.73 -12.64
C GLN B 47 -3.48 7.71 -11.57
N SER B 48 -3.88 6.51 -11.98
CA SER B 48 -4.14 5.38 -11.09
C SER B 48 -2.94 5.12 -10.18
N LEU B 49 -3.22 4.86 -8.91
CA LEU B 49 -2.17 4.66 -7.92
C LEU B 49 -1.89 3.19 -7.65
N LEU B 50 -2.58 2.32 -8.40
CA LEU B 50 -2.34 0.89 -8.32
C LEU B 50 -1.03 0.55 -9.01
N TYR B 51 -0.10 -0.01 -8.24
CA TYR B 51 1.23 -0.35 -8.74
C TYR B 51 1.22 -1.78 -9.27
N SER B 52 2.24 -2.10 -10.07
CA SER B 52 2.34 -3.40 -10.76
C SER B 52 2.44 -4.59 -9.79
N ASP B 53 2.87 -4.32 -8.56
CA ASP B 53 2.94 -5.36 -7.51
C ASP B 53 1.58 -5.56 -6.82
N GLY B 54 0.55 -4.91 -7.36
CA GLY B 54 -0.83 -5.09 -6.90
C GLY B 54 -1.19 -4.33 -5.65
N LYS B 55 -0.34 -3.36 -5.28
CA LYS B 55 -0.58 -2.53 -4.10
C LYS B 55 -0.84 -1.09 -4.50
N THR B 56 -1.64 -0.39 -3.69
CA THR B 56 -1.95 1.02 -3.93
C THR B 56 -1.32 1.86 -2.84
N TYR B 57 -0.31 2.62 -3.20
CA TYR B 57 0.46 3.39 -2.23
C TYR B 57 -0.07 4.81 -2.11
N LEU B 58 -1.17 4.96 -1.40
CA LEU B 58 -1.71 6.26 -1.03
C LEU B 58 -1.77 6.41 0.49
N ASN B 59 -1.24 7.53 0.98
CA ASN B 59 -1.10 7.81 2.39
C ASN B 59 -1.82 9.10 2.76
N TRP B 60 -2.22 9.20 4.03
CA TRP B 60 -2.83 10.40 4.55
C TRP B 60 -1.96 11.05 5.62
N LEU B 61 -1.72 12.34 5.45
CA LEU B 61 -0.83 13.10 6.33
C LEU B 61 -1.60 14.19 7.07
N PHE B 62 -1.32 14.34 8.36
CA PHE B 62 -1.98 15.34 9.21
C PHE B 62 -0.96 16.31 9.81
N GLN B 63 -1.35 17.57 9.90
CA GLN B 63 -0.47 18.63 10.42
C GLN B 63 -1.28 19.76 11.06
N ARG B 64 -0.90 20.11 12.28
CA ARG B 64 -1.42 21.31 12.94
C ARG B 64 -0.53 22.50 12.58
N PRO B 65 -1.08 23.73 12.63
CA PRO B 65 -0.22 24.91 12.38
C PRO B 65 0.91 25.00 13.39
N GLY B 66 2.11 25.33 12.93
CA GLY B 66 3.29 25.43 13.79
C GLY B 66 3.88 24.07 14.18
N GLN B 67 3.06 23.02 14.14
CA GLN B 67 3.51 21.67 14.39
C GLN B 67 3.98 20.98 13.11
N SER B 68 4.78 19.93 13.26
CA SER B 68 5.29 19.16 12.12
C SER B 68 4.27 18.13 11.67
N PRO B 69 4.39 17.64 10.41
CA PRO B 69 3.50 16.59 9.89
C PRO B 69 3.55 15.28 10.67
N LYS B 70 2.61 14.39 10.36
CA LYS B 70 2.44 13.12 11.05
C LYS B 70 1.62 12.19 10.13
N ARG B 71 2.11 10.99 9.90
CA ARG B 71 1.40 10.00 9.08
C ARG B 71 0.20 9.46 9.85
N LEU B 72 -0.95 9.46 9.17
CA LEU B 72 -2.19 9.01 9.76
C LEU B 72 -2.60 7.65 9.20
N ILE B 73 -2.60 7.57 7.87
CA ILE B 73 -2.95 6.34 7.16
C ILE B 73 -1.92 6.08 6.07
N TYR B 74 -1.69 4.80 5.80
CA TYR B 74 -0.84 4.35 4.68
C TYR B 74 -1.56 3.21 3.96
N LEU B 75 -1.16 2.94 2.72
CA LEU B 75 -1.76 1.87 1.92
C LEU B 75 -3.28 1.94 1.87
N VAL B 76 -3.80 3.15 1.65
CA VAL B 76 -5.24 3.37 1.47
C VAL B 76 -6.03 3.35 2.77
N SER B 77 -5.86 2.31 3.59
CA SER B 77 -6.75 2.11 4.75
C SER B 77 -6.12 1.66 6.06
N LYS B 78 -4.81 1.42 6.05
CA LYS B 78 -4.10 0.96 7.26
C LYS B 78 -3.73 2.12 8.19
N LEU B 79 -4.29 2.09 9.41
CA LEU B 79 -4.03 3.13 10.42
C LEU B 79 -2.66 3.02 11.05
N ASP B 80 -2.07 4.16 11.38
CA ASP B 80 -0.78 4.22 12.10
C ASP B 80 -1.00 3.92 13.58
N SER B 81 0.10 3.82 14.34
CA SER B 81 0.06 3.34 15.73
C SER B 81 -0.98 4.02 16.63
N GLY B 82 -0.86 5.33 16.82
CA GLY B 82 -1.74 6.02 17.77
C GLY B 82 -3.04 6.56 17.22
N VAL B 83 -3.32 6.28 15.95
CA VAL B 83 -4.51 6.80 15.27
C VAL B 83 -5.79 6.13 15.81
N PRO B 84 -6.77 6.96 16.26
CA PRO B 84 -8.06 6.47 16.73
C PRO B 84 -8.90 5.84 15.61
N ASP B 85 -9.69 4.83 15.97
CA ASP B 85 -10.51 4.08 15.01
C ASP B 85 -11.56 4.95 14.31
N ARG B 86 -11.85 6.13 14.87
CA ARG B 86 -12.81 7.05 14.29
C ARG B 86 -12.41 7.51 12.88
N PHE B 87 -11.13 7.32 12.54
CA PHE B 87 -10.61 7.58 11.19
C PHE B 87 -10.68 6.34 10.34
N THR B 88 -11.18 6.52 9.12
CA THR B 88 -11.21 5.43 8.13
C THR B 88 -10.80 5.94 6.77
N GLY B 89 -10.10 5.10 6.02
CA GLY B 89 -9.66 5.42 4.66
C GLY B 89 -10.23 4.42 3.69
N SER B 90 -10.49 4.86 2.47
CA SER B 90 -11.06 4.01 1.43
C SER B 90 -10.67 4.51 0.06
N GLY B 91 -10.97 3.73 -0.97
CA GLY B 91 -10.72 4.10 -2.35
C GLY B 91 -9.80 3.15 -3.10
N SER B 92 -9.78 3.31 -4.43
CA SER B 92 -8.92 2.55 -5.31
C SER B 92 -8.63 3.38 -6.54
N GLY B 93 -7.89 2.81 -7.49
CA GLY B 93 -7.62 3.46 -8.78
C GLY B 93 -7.37 4.91 -8.43
N ILE B 94 -8.09 5.82 -9.09
CA ILE B 94 -7.87 7.25 -8.91
C ILE B 94 -8.61 8.02 -7.80
N ASP B 95 -9.58 7.37 -7.16
CA ASP B 95 -10.41 8.03 -6.14
C ASP B 95 -10.19 7.50 -4.74
N PHE B 96 -9.91 8.42 -3.81
CA PHE B 96 -9.61 8.04 -2.41
C PHE B 96 -10.31 8.95 -1.41
N LYS B 97 -10.51 8.45 -0.21
CA LYS B 97 -11.40 9.10 0.75
C LYS B 97 -11.00 8.82 2.20
N LEU B 98 -10.79 9.88 2.96
CA LEU B 98 -10.58 9.78 4.40
C LEU B 98 -11.83 10.26 5.14
N LYS B 99 -12.36 9.42 6.00
CA LYS B 99 -13.52 9.81 6.81
C LYS B 99 -13.34 9.74 8.30
N ILE B 100 -13.83 10.76 8.98
CA ILE B 100 -13.87 10.80 10.44
C ILE B 100 -15.31 10.60 10.88
N SER B 101 -15.55 9.60 11.70
CA SER B 101 -16.89 9.27 12.20
C SER B 101 -17.45 10.41 13.05
N ARG B 102 -16.60 10.95 13.93
CA ARG B 102 -16.95 12.12 14.74
C ARG B 102 -15.68 12.94 15.00
N VAL B 103 -15.77 14.24 14.80
CA VAL B 103 -14.61 15.12 14.89
C VAL B 103 -14.41 15.67 16.29
N GLU B 104 -13.20 15.44 16.82
CA GLU B 104 -12.77 16.04 18.08
C GLU B 104 -11.87 17.24 17.82
N ALA B 105 -11.49 17.96 18.89
CA ALA B 105 -10.59 19.10 18.80
C ALA B 105 -9.19 18.68 18.35
N GLU B 106 -8.79 17.47 18.72
CA GLU B 106 -7.47 16.92 18.40
C GLU B 106 -7.30 16.62 16.88
N ASP B 107 -8.36 16.84 16.11
CA ASP B 107 -8.39 16.52 14.70
C ASP B 107 -8.24 17.75 13.83
N LEU B 108 -8.27 18.92 14.48
CA LEU B 108 -8.20 20.21 13.78
C LEU B 108 -6.80 20.47 13.25
N GLY B 109 -6.75 20.82 11.96
CA GLY B 109 -5.51 21.04 11.25
C GLY B 109 -5.74 20.84 9.76
N VAL B 110 -4.67 20.58 9.03
CA VAL B 110 -4.76 20.35 7.59
C VAL B 110 -4.34 18.92 7.22
N TYR B 111 -5.14 18.30 6.35
CA TYR B 111 -4.92 16.91 5.92
C TYR B 111 -4.43 16.85 4.48
N TYR B 112 -3.42 16.03 4.24
CA TYR B 112 -2.82 15.86 2.92
C TYR B 112 -2.90 14.42 2.45
N CYS B 113 -3.34 14.21 1.21
CA CYS B 113 -3.21 12.90 0.60
C CYS B 113 -1.89 12.86 -0.16
N VAL B 114 -1.08 11.85 0.13
CA VAL B 114 0.25 11.70 -0.45
C VAL B 114 0.41 10.33 -1.11
N GLN B 115 1.00 10.32 -2.31
CA GLN B 115 1.14 9.12 -3.11
C GLN B 115 2.61 8.68 -3.22
N GLY B 116 2.85 7.37 -3.12
CA GLY B 116 4.19 6.80 -3.24
C GLY B 116 4.41 5.88 -4.44
N THR B 117 3.37 5.69 -5.22
CA THR B 117 3.37 4.80 -6.39
C THR B 117 4.28 5.30 -7.53
N HIS B 118 4.12 6.56 -7.94
CA HIS B 118 4.82 7.11 -9.09
C HIS B 118 5.96 7.99 -8.68
N PHE B 119 6.97 8.05 -9.55
CA PHE B 119 8.16 8.87 -9.30
C PHE B 119 8.02 10.19 -10.07
N PRO B 120 8.11 11.33 -9.38
CA PRO B 120 8.42 11.49 -7.95
C PRO B 120 7.21 11.44 -7.01
N GLN B 121 7.48 11.27 -5.72
CA GLN B 121 6.48 11.28 -4.66
C GLN B 121 5.81 12.65 -4.57
N THR B 122 4.47 12.68 -4.59
CA THR B 122 3.75 13.97 -4.56
C THR B 122 2.67 14.06 -3.49
N PHE B 123 2.41 15.30 -3.08
CA PHE B 123 1.45 15.62 -2.03
C PHE B 123 0.26 16.37 -2.61
N GLY B 124 -0.90 16.20 -2.01
CA GLY B 124 -2.08 17.01 -2.34
C GLY B 124 -1.93 18.41 -1.78
N GLY B 125 -2.81 19.31 -2.22
CA GLY B 125 -2.82 20.72 -1.80
C GLY B 125 -3.08 20.89 -0.30
N GLY B 126 -3.96 20.03 0.22
CA GLY B 126 -4.33 20.08 1.63
C GLY B 126 -5.77 20.51 1.84
N THR B 127 -6.39 19.97 2.88
CA THR B 127 -7.74 20.34 3.27
C THR B 127 -7.73 20.89 4.68
N LYS B 128 -8.18 22.14 4.83
CA LYS B 128 -8.23 22.79 6.14
C LYS B 128 -9.46 22.31 6.90
N LEU B 129 -9.24 21.79 8.12
CA LEU B 129 -10.34 21.35 8.97
C LEU B 129 -10.57 22.32 10.13
N GLU B 130 -11.65 23.09 10.03
CA GLU B 130 -11.97 24.12 11.02
C GLU B 130 -13.29 23.83 11.75
N ILE B 131 -13.47 24.47 12.91
CA ILE B 131 -14.70 24.34 13.69
C ILE B 131 -15.82 25.18 13.07
N LYS B 132 -17.00 24.57 12.97
CA LYS B 132 -18.19 25.28 12.53
C LYS B 132 -18.70 26.12 13.70
N ARG B 133 -19.07 27.35 13.38
CA ARG B 133 -19.44 28.34 14.39
C ARG B 133 -20.64 29.11 13.88
N ALA B 134 -21.35 29.77 14.79
CA ALA B 134 -22.45 30.67 14.40
C ALA B 134 -21.88 31.85 13.64
N ASP B 135 -22.61 32.33 12.64
CA ASP B 135 -22.19 33.50 11.86
C ASP B 135 -21.89 34.71 12.74
N ALA B 136 -20.78 35.37 12.46
CA ALA B 136 -20.36 36.55 13.21
C ALA B 136 -20.03 37.71 12.29
N ALA B 137 -20.51 38.89 12.66
CA ALA B 137 -20.20 40.13 11.93
C ALA B 137 -18.86 40.68 12.40
N PRO B 138 -18.02 41.15 11.47
CA PRO B 138 -16.71 41.71 11.84
C PRO B 138 -16.80 43.05 12.57
N THR B 139 -15.97 43.21 13.59
CA THR B 139 -15.81 44.50 14.29
C THR B 139 -14.74 45.31 13.54
N VAL B 140 -15.19 46.34 12.82
CA VAL B 140 -14.30 47.16 12.00
C VAL B 140 -13.78 48.37 12.78
N SER B 141 -12.45 48.58 12.71
CA SER B 141 -11.80 49.76 13.27
C SER B 141 -10.79 50.34 12.27
N ILE B 142 -10.99 51.61 11.91
CA ILE B 142 -10.10 52.33 10.99
C ILE B 142 -9.18 53.29 11.75
N PHE B 143 -7.94 53.42 11.26
CA PHE B 143 -6.91 54.25 11.93
C PHE B 143 -6.11 55.09 10.94
N PRO B 144 -6.13 56.43 11.12
CA PRO B 144 -5.30 57.34 10.33
C PRO B 144 -3.81 57.12 10.64
N PRO B 145 -2.93 57.46 9.69
CA PRO B 145 -1.49 57.32 9.95
C PRO B 145 -1.03 58.24 11.08
N SER B 146 -0.13 57.74 11.91
CA SER B 146 0.38 58.50 13.05
C SER B 146 1.20 59.72 12.60
N SER B 147 1.29 60.71 13.49
CA SER B 147 2.10 61.89 13.25
C SER B 147 3.58 61.49 13.11
N GLU B 148 3.99 60.50 13.90
CA GLU B 148 5.36 59.98 13.90
C GLU B 148 5.77 59.41 12.56
N GLN B 149 4.83 58.73 11.90
CA GLN B 149 5.08 58.14 10.59
C GLN B 149 5.20 59.22 9.52
N LEU B 150 4.33 60.22 9.61
CA LEU B 150 4.31 61.34 8.65
C LEU B 150 5.63 62.14 8.67
N THR B 151 6.32 62.13 9.82
CA THR B 151 7.63 62.80 9.94
C THR B 151 8.72 62.08 9.14
N SER B 152 8.46 60.84 8.76
CA SER B 152 9.38 60.06 7.93
C SER B 152 9.06 60.22 6.44
N GLY B 153 7.90 60.81 6.15
CA GLY B 153 7.43 60.99 4.78
C GLY B 153 6.50 59.90 4.31
N GLY B 154 6.40 58.83 5.09
CA GLY B 154 5.50 57.73 4.79
C GLY B 154 4.18 57.85 5.53
N ALA B 155 3.13 57.26 4.98
CA ALA B 155 1.80 57.31 5.57
C ALA B 155 1.02 56.04 5.25
N SER B 156 0.55 55.36 6.30
CA SER B 156 -0.21 54.13 6.13
C SER B 156 -1.47 54.08 6.98
N VAL B 157 -2.60 53.79 6.32
CA VAL B 157 -3.89 53.66 6.98
C VAL B 157 -4.14 52.19 7.30
N VAL B 158 -4.55 51.92 8.55
CA VAL B 158 -4.79 50.56 9.03
C VAL B 158 -6.28 50.34 9.33
N CYS B 159 -6.81 49.23 8.83
CA CYS B 159 -8.21 48.83 9.04
C CYS B 159 -8.23 47.44 9.65
N PHE B 160 -8.76 47.34 10.87
CA PHE B 160 -8.87 46.06 11.57
C PHE B 160 -10.26 45.45 11.42
N LEU B 161 -10.31 44.14 11.12
CA LEU B 161 -11.56 43.40 11.00
C LEU B 161 -11.52 42.23 11.96
N ASN B 162 -12.09 42.43 13.15
CA ASN B 162 -11.93 41.46 14.24
C ASN B 162 -13.18 40.65 14.55
N ASN B 163 -12.96 39.38 14.89
CA ASN B 163 -14.01 38.46 15.36
C ASN B 163 -15.13 38.23 14.35
N PHE B 164 -14.81 37.57 13.25
CA PHE B 164 -15.81 37.25 12.22
C PHE B 164 -15.78 35.79 11.78
N TYR B 165 -16.94 35.28 11.38
CA TYR B 165 -17.08 33.91 10.86
C TYR B 165 -18.16 33.86 9.78
N PRO B 166 -17.88 33.23 8.62
CA PRO B 166 -16.63 32.50 8.29
C PRO B 166 -15.50 33.40 7.79
N LYS B 167 -14.34 32.80 7.51
CA LYS B 167 -13.13 33.53 7.08
C LYS B 167 -13.19 34.12 5.66
N ASP B 168 -14.24 33.77 4.92
CA ASP B 168 -14.50 34.34 3.60
C ASP B 168 -14.85 35.81 3.75
N ILE B 169 -13.95 36.67 3.28
CA ILE B 169 -14.07 38.13 3.45
C ILE B 169 -13.30 38.86 2.35
N ASN B 170 -13.84 40.00 1.93
CA ASN B 170 -13.16 40.87 0.97
C ASN B 170 -13.21 42.33 1.39
N VAL B 171 -12.03 42.90 1.60
CA VAL B 171 -11.91 44.33 1.94
C VAL B 171 -11.67 45.18 0.70
N LYS B 172 -12.23 46.39 0.73
CA LYS B 172 -12.04 47.35 -0.36
C LYS B 172 -11.63 48.70 0.20
N TRP B 173 -10.57 49.27 -0.37
CA TRP B 173 -10.10 50.59 0.06
C TRP B 173 -10.60 51.66 -0.87
N LYS B 174 -11.17 52.71 -0.30
CA LYS B 174 -11.78 53.77 -1.09
C LYS B 174 -11.25 55.16 -0.70
N ILE B 175 -10.77 55.88 -1.70
CA ILE B 175 -10.24 57.23 -1.52
C ILE B 175 -11.10 58.22 -2.26
N ASP B 176 -11.69 59.16 -1.52
CA ASP B 176 -12.62 60.16 -2.05
C ASP B 176 -13.70 59.55 -2.97
N GLY B 177 -14.09 58.31 -2.63
CA GLY B 177 -15.10 57.55 -3.35
C GLY B 177 -14.58 56.73 -4.52
N SER B 178 -13.27 56.49 -4.55
CA SER B 178 -12.64 55.72 -5.63
C SER B 178 -11.78 54.58 -5.09
N GLU B 179 -11.78 53.46 -5.79
CA GLU B 179 -11.08 52.24 -5.39
C GLU B 179 -9.55 52.37 -5.52
N ARG B 180 -8.85 52.10 -4.41
CA ARG B 180 -7.39 52.03 -4.40
C ARG B 180 -6.94 50.58 -4.43
N GLN B 181 -5.99 50.29 -5.31
CA GLN B 181 -5.59 48.90 -5.59
C GLN B 181 -4.15 48.59 -5.20
N ASN B 182 -3.23 49.50 -5.51
CA ASN B 182 -1.81 49.29 -5.24
C ASN B 182 -1.42 49.79 -3.85
N GLY B 183 -0.43 49.12 -3.26
CA GLY B 183 0.08 49.48 -1.95
C GLY B 183 -0.64 48.89 -0.75
N VAL B 184 -1.68 48.08 -1.02
CA VAL B 184 -2.43 47.40 0.04
C VAL B 184 -1.80 46.04 0.39
N LEU B 185 -1.66 45.76 1.67
CA LEU B 185 -1.16 44.48 2.14
C LEU B 185 -2.01 43.93 3.28
N ASN B 186 -2.38 42.66 3.16
CA ASN B 186 -3.32 42.03 4.07
C ASN B 186 -2.69 40.91 4.90
N SER B 187 -3.22 40.72 6.11
CA SER B 187 -2.76 39.68 7.00
C SER B 187 -3.95 39.02 7.72
N TRP B 188 -3.96 37.70 7.78
CA TRP B 188 -5.02 36.93 8.40
C TRP B 188 -4.50 36.14 9.57
N THR B 189 -5.31 36.04 10.61
CA THR B 189 -5.02 35.14 11.73
C THR B 189 -5.60 33.76 11.43
N ASP B 190 -5.19 32.76 12.19
CA ASP B 190 -5.81 31.45 12.16
C ASP B 190 -7.08 31.52 13.00
N GLN B 191 -7.77 30.40 13.15
CA GLN B 191 -8.99 30.37 13.96
C GLN B 191 -8.67 30.41 15.45
N ASP B 192 -9.45 31.20 16.18
CA ASP B 192 -9.23 31.43 17.60
C ASP B 192 -9.51 30.20 18.45
N SER B 193 -8.60 29.92 19.37
CA SER B 193 -8.73 28.82 20.32
C SER B 193 -9.89 29.06 21.30
N LYS B 194 -10.24 30.32 21.51
CA LYS B 194 -11.30 30.68 22.44
C LYS B 194 -12.68 30.67 21.79
N ASP B 195 -12.95 31.65 20.95
CA ASP B 195 -14.30 31.83 20.38
C ASP B 195 -14.45 31.31 18.95
N SER B 196 -13.42 30.61 18.45
CA SER B 196 -13.42 30.00 17.12
C SER B 196 -13.68 31.01 15.99
N THR B 197 -13.09 32.19 16.13
CA THR B 197 -13.31 33.26 15.15
C THR B 197 -12.05 33.56 14.33
N TYR B 198 -12.21 34.40 13.31
CA TYR B 198 -11.09 34.91 12.54
C TYR B 198 -10.93 36.41 12.70
N SER B 199 -9.72 36.90 12.47
CA SER B 199 -9.41 38.33 12.46
C SER B 199 -8.51 38.68 11.27
N MET B 200 -8.69 39.87 10.74
CA MET B 200 -7.94 40.31 9.57
C MET B 200 -7.41 41.73 9.75
N SER B 201 -6.17 41.94 9.31
CA SER B 201 -5.55 43.26 9.32
C SER B 201 -5.25 43.70 7.89
N SER B 202 -5.63 44.92 7.57
CA SER B 202 -5.38 45.49 6.25
C SER B 202 -4.73 46.87 6.36
N THR B 203 -3.64 47.05 5.62
CA THR B 203 -2.88 48.30 5.63
C THR B 203 -2.77 48.88 4.23
N LEU B 204 -2.89 50.19 4.12
CA LEU B 204 -2.65 50.90 2.87
C LEU B 204 -1.52 51.91 3.07
N THR B 205 -0.39 51.67 2.42
CA THR B 205 0.79 52.53 2.56
C THR B 205 0.94 53.45 1.35
N LEU B 206 1.16 54.74 1.63
CA LEU B 206 1.38 55.76 0.62
C LEU B 206 2.46 56.71 1.10
N THR B 207 2.75 57.73 0.29
CA THR B 207 3.66 58.80 0.68
C THR B 207 2.85 59.90 1.37
N LYS B 208 3.55 60.74 2.15
CA LYS B 208 2.95 61.90 2.79
C LYS B 208 2.36 62.84 1.74
N ASP B 209 3.07 63.00 0.61
CA ASP B 209 2.62 63.80 -0.52
C ASP B 209 1.24 63.38 -1.04
N GLU B 210 1.01 62.07 -1.10
CA GLU B 210 -0.24 61.50 -1.62
C GLU B 210 -1.35 61.51 -0.58
N TYR B 211 -1.01 61.23 0.67
CA TYR B 211 -1.99 61.18 1.76
C TYR B 211 -2.62 62.54 2.03
N GLU B 212 -1.83 63.60 1.91
CA GLU B 212 -2.29 64.97 2.16
C GLU B 212 -2.97 65.58 0.93
N ARG B 213 -3.11 64.79 -0.13
CA ARG B 213 -3.72 65.22 -1.37
C ARG B 213 -5.22 64.89 -1.40
N HIS B 214 -5.67 64.10 -0.43
CA HIS B 214 -7.05 63.61 -0.37
C HIS B 214 -7.64 63.74 1.02
N ASN B 215 -8.97 63.76 1.11
CA ASN B 215 -9.66 64.06 2.37
C ASN B 215 -10.30 62.85 3.10
N SER B 216 -11.12 62.07 2.42
CA SER B 216 -11.86 60.98 3.04
C SER B 216 -11.29 59.59 2.73
N TYR B 217 -11.06 58.80 3.77
CA TYR B 217 -10.51 57.46 3.65
C TYR B 217 -11.44 56.42 4.27
N THR B 218 -11.83 55.42 3.47
CA THR B 218 -12.77 54.39 3.90
C THR B 218 -12.28 52.98 3.59
N CYS B 219 -12.57 52.04 4.49
CA CYS B 219 -12.40 50.60 4.20
C CYS B 219 -13.75 49.89 4.20
N GLU B 220 -14.07 49.23 3.09
CA GLU B 220 -15.35 48.52 2.93
C GLU B 220 -15.18 47.01 2.93
N ALA B 221 -15.80 46.36 3.91
CA ALA B 221 -15.73 44.90 4.04
C ALA B 221 -17.01 44.20 3.59
N THR B 222 -16.86 43.19 2.74
CA THR B 222 -18.00 42.39 2.27
C THR B 222 -17.99 41.00 2.92
N HIS B 223 -19.06 40.69 3.64
CA HIS B 223 -19.19 39.43 4.38
C HIS B 223 -20.53 38.80 4.09
N LYS B 224 -20.72 37.57 4.55
CA LYS B 224 -21.98 36.85 4.34
C LYS B 224 -23.09 37.31 5.29
N THR B 225 -22.70 37.87 6.43
CA THR B 225 -23.64 38.31 7.47
C THR B 225 -24.57 39.45 7.04
N SER B 226 -24.18 40.16 5.98
CA SER B 226 -24.98 41.25 5.43
C SER B 226 -24.86 41.31 3.92
N THR B 227 -25.94 41.67 3.25
CA THR B 227 -25.96 41.89 1.81
C THR B 227 -25.31 43.25 1.43
N SER B 228 -25.21 44.14 2.42
CA SER B 228 -24.60 45.44 2.24
C SER B 228 -23.24 45.52 2.97
N PRO B 229 -22.24 46.19 2.35
CA PRO B 229 -20.90 46.31 2.94
C PRO B 229 -20.91 47.07 4.27
N ILE B 230 -19.92 46.78 5.12
CA ILE B 230 -19.74 47.52 6.37
C ILE B 230 -18.61 48.56 6.23
N VAL B 231 -19.03 49.82 6.17
CA VAL B 231 -18.15 50.95 5.86
C VAL B 231 -17.70 51.67 7.13
N LYS B 232 -16.39 51.88 7.25
CA LYS B 232 -15.81 52.68 8.32
C LYS B 232 -14.87 53.72 7.72
N SER B 233 -15.07 54.98 8.10
CA SER B 233 -14.41 56.11 7.44
C SER B 233 -13.77 57.09 8.41
N PHE B 234 -12.97 57.99 7.86
CA PHE B 234 -12.49 59.19 8.57
C PHE B 234 -12.09 60.27 7.56
N ASN B 235 -12.34 61.51 7.93
CA ASN B 235 -11.92 62.61 7.10
C ASN B 235 -10.68 63.21 7.70
N ARG B 236 -9.91 63.91 6.89
CA ARG B 236 -8.70 64.55 7.40
C ARG B 236 -8.90 65.83 8.21
N CYS C 1 9.64 4.72 -13.54
CA CYS C 1 10.29 3.84 -12.56
C CYS C 1 9.41 3.56 -11.33
N GLY C 2 8.77 4.59 -10.80
CA GLY C 2 7.84 4.44 -9.69
C GLY C 2 8.49 4.12 -8.33
N LEU C 3 7.86 3.21 -7.58
CA LEU C 3 8.14 2.95 -6.16
C LEU C 3 9.62 2.79 -5.77
N GLU C 4 10.42 2.14 -6.63
CA GLU C 4 11.84 1.93 -6.33
C GLU C 4 12.66 3.22 -6.35
N CYS C 5 12.34 4.12 -7.28
CA CYS C 5 12.99 5.41 -7.35
C CYS C 5 12.47 6.37 -6.29
N ASN C 6 11.48 5.89 -5.53
CA ASN C 6 10.90 6.65 -4.43
C ASN C 6 11.43 6.21 -3.07
N PHE C 7 11.75 4.93 -2.94
CA PHE C 7 12.18 4.38 -1.64
C PHE C 7 13.31 3.36 -1.75
N GLY C 8 13.47 2.73 -2.92
CA GLY C 8 14.45 1.67 -3.12
C GLY C 8 15.86 2.18 -3.22
N ASP D 19 16.86 -30.69 -30.51
CA ASP D 19 17.29 -30.07 -29.21
C ASP D 19 17.56 -31.12 -28.13
N VAL D 20 17.73 -30.63 -26.90
CA VAL D 20 17.98 -31.47 -25.74
C VAL D 20 16.69 -31.69 -24.96
N GLN D 21 16.41 -32.95 -24.63
CA GLN D 21 15.23 -33.30 -23.85
C GLN D 21 15.46 -34.45 -22.87
N LEU D 22 14.80 -34.35 -21.72
CA LEU D 22 14.95 -35.32 -20.64
C LEU D 22 13.60 -35.93 -20.31
N GLN D 23 13.59 -37.25 -20.11
CA GLN D 23 12.36 -37.97 -19.80
C GLN D 23 12.48 -38.75 -18.50
N GLU D 24 11.45 -38.64 -17.66
CA GLU D 24 11.42 -39.34 -16.38
C GLU D 24 10.68 -40.67 -16.48
N SER D 25 11.16 -41.67 -15.74
CA SER D 25 10.58 -43.01 -15.74
C SER D 25 10.58 -43.61 -14.33
N GLY D 26 9.85 -44.70 -14.17
CA GLY D 26 9.86 -45.47 -12.94
C GLY D 26 8.48 -45.79 -12.41
N PRO D 27 8.40 -46.51 -11.26
CA PRO D 27 7.13 -46.81 -10.60
C PRO D 27 6.40 -45.56 -10.14
N ASP D 28 5.08 -45.66 -10.04
CA ASP D 28 4.25 -44.55 -9.57
C ASP D 28 3.72 -44.82 -8.16
N LEU D 29 3.58 -46.10 -7.84
CA LEU D 29 3.09 -46.54 -6.53
C LEU D 29 4.19 -47.36 -5.86
N VAL D 30 4.49 -46.98 -4.62
CA VAL D 30 5.49 -47.69 -3.81
C VAL D 30 4.99 -47.78 -2.37
N LYS D 31 5.16 -48.94 -1.76
CA LYS D 31 4.80 -49.16 -0.35
C LYS D 31 5.94 -48.67 0.54
N PRO D 32 5.61 -48.12 1.73
CA PRO D 32 6.63 -47.57 2.65
C PRO D 32 7.75 -48.55 3.01
N SER D 33 8.92 -48.00 3.36
CA SER D 33 10.13 -48.78 3.71
C SER D 33 10.79 -49.52 2.55
N GLN D 34 10.37 -49.19 1.33
CA GLN D 34 10.99 -49.72 0.11
C GLN D 34 12.09 -48.79 -0.35
N SER D 35 12.88 -49.27 -1.32
CA SER D 35 13.96 -48.47 -1.90
C SER D 35 13.81 -48.36 -3.41
N PRO D 36 12.86 -47.52 -3.87
CA PRO D 36 12.56 -47.40 -5.31
C PRO D 36 13.61 -46.60 -6.06
N SER D 37 13.65 -46.79 -7.37
CA SER D 37 14.63 -46.12 -8.22
C SER D 37 13.92 -45.46 -9.39
N LEU D 38 14.32 -44.23 -9.69
CA LEU D 38 13.76 -43.49 -10.81
C LEU D 38 14.76 -43.29 -11.92
N THR D 39 14.30 -43.23 -13.17
CA THR D 39 15.17 -43.14 -14.34
C THR D 39 14.95 -41.86 -15.14
N CYS D 40 16.03 -41.17 -15.49
CA CYS D 40 15.98 -40.06 -16.42
C CYS D 40 16.76 -40.40 -17.69
N THR D 41 16.04 -40.51 -18.80
CA THR D 41 16.63 -40.76 -20.10
C THR D 41 16.84 -39.44 -20.84
N VAL D 42 18.10 -39.14 -21.14
CA VAL D 42 18.44 -37.91 -21.85
C VAL D 42 18.65 -38.25 -23.32
N THR D 43 18.15 -37.40 -24.20
CA THR D 43 18.05 -37.75 -25.62
C THR D 43 19.07 -37.03 -26.50
N GLY D 44 18.78 -35.77 -26.84
CA GLY D 44 19.56 -35.04 -27.85
C GLY D 44 20.95 -34.55 -27.49
N TYR D 45 21.54 -35.08 -26.42
CA TYR D 45 22.82 -34.65 -25.88
C TYR D 45 23.38 -35.77 -25.00
N SER D 46 24.71 -35.82 -24.91
CA SER D 46 25.39 -36.86 -24.12
C SER D 46 25.67 -36.42 -22.68
N ILE D 47 25.34 -37.28 -21.73
CA ILE D 47 25.52 -36.97 -20.30
C ILE D 47 26.97 -37.15 -19.84
N THR D 48 27.85 -37.50 -20.78
CA THR D 48 29.27 -37.64 -20.51
C THR D 48 30.07 -36.47 -21.10
N SER D 49 29.37 -35.59 -21.83
CA SER D 49 30.01 -34.50 -22.58
C SER D 49 30.47 -33.32 -21.70
N ASP D 50 29.53 -32.62 -21.06
CA ASP D 50 29.86 -31.33 -20.44
C ASP D 50 29.16 -31.01 -19.11
N TYR D 51 27.82 -31.05 -19.09
CA TYR D 51 27.06 -30.45 -17.99
C TYR D 51 26.95 -31.35 -16.75
N SER D 52 26.17 -30.89 -15.77
CA SER D 52 25.81 -31.68 -14.58
C SER D 52 24.31 -31.99 -14.60
N TRP D 53 23.92 -33.11 -14.02
CA TRP D 53 22.60 -33.68 -14.22
C TRP D 53 21.92 -33.95 -12.90
N HIS D 54 20.82 -33.23 -12.68
CA HIS D 54 20.26 -33.07 -11.33
C HIS D 54 18.93 -33.79 -11.15
N TRP D 55 18.55 -33.95 -9.89
CA TRP D 55 17.22 -34.38 -9.50
C TRP D 55 16.62 -33.37 -8.56
N ILE D 56 15.35 -33.03 -8.81
CA ILE D 56 14.62 -32.04 -8.04
C ILE D 56 13.21 -32.56 -7.83
N ARG D 57 12.74 -32.57 -6.58
CA ARG D 57 11.37 -33.00 -6.29
C ARG D 57 10.44 -31.86 -5.86
N GLN D 58 9.18 -31.97 -6.22
CA GLN D 58 8.15 -31.00 -5.86
C GLN D 58 7.07 -31.62 -4.98
N PHE D 59 6.98 -31.14 -3.74
CA PHE D 59 6.00 -31.62 -2.76
C PHE D 59 4.60 -31.06 -3.03
N PRO D 60 3.55 -31.75 -2.51
CA PRO D 60 2.21 -31.16 -2.49
C PRO D 60 2.24 -29.77 -1.85
N GLY D 61 1.58 -28.81 -2.50
CA GLY D 61 1.67 -27.41 -2.08
C GLY D 61 2.76 -26.71 -2.85
N ASP D 62 3.27 -27.40 -3.88
CA ASP D 62 4.21 -26.84 -4.87
C ASP D 62 5.62 -26.48 -4.37
N LYS D 63 5.95 -26.83 -3.14
CA LYS D 63 7.27 -26.56 -2.57
C LYS D 63 8.34 -27.39 -3.30
N LEU D 64 9.42 -26.73 -3.69
CA LEU D 64 10.47 -27.36 -4.51
C LEU D 64 11.77 -27.55 -3.73
N GLU D 65 12.41 -28.70 -3.93
CA GLU D 65 13.63 -29.07 -3.21
C GLU D 65 14.67 -29.70 -4.13
N TRP D 66 15.82 -29.06 -4.22
CA TRP D 66 16.96 -29.60 -4.98
C TRP D 66 17.59 -30.73 -4.20
N MET D 67 17.80 -31.85 -4.88
CA MET D 67 18.26 -33.08 -4.24
C MET D 67 19.77 -33.29 -4.42
N GLY D 68 20.20 -33.44 -5.66
CA GLY D 68 21.62 -33.62 -5.96
C GLY D 68 21.86 -33.70 -7.46
N TYR D 69 23.10 -33.99 -7.83
CA TYR D 69 23.46 -34.10 -9.25
C TYR D 69 24.52 -35.18 -9.53
N ILE D 70 24.72 -35.44 -10.81
CA ILE D 70 25.85 -36.22 -11.27
C ILE D 70 26.58 -35.45 -12.38
N HIS D 71 27.89 -35.37 -12.22
CA HIS D 71 28.76 -34.58 -13.10
C HIS D 71 29.02 -35.34 -14.38
N TYR D 72 29.38 -34.61 -15.43
CA TYR D 72 29.66 -35.22 -16.73
C TYR D 72 30.86 -36.16 -16.69
N SER D 73 31.60 -36.14 -15.57
CA SER D 73 32.73 -37.02 -15.36
C SER D 73 32.34 -38.19 -14.45
N GLY D 74 31.17 -38.09 -13.83
CA GLY D 74 30.69 -39.10 -12.89
C GLY D 74 30.77 -38.68 -11.44
N SER D 75 31.21 -37.44 -11.23
CA SER D 75 31.31 -36.87 -9.87
C SER D 75 29.90 -36.63 -9.32
N THR D 76 29.77 -36.72 -8.00
CA THR D 76 28.48 -36.67 -7.34
C THR D 76 28.48 -35.76 -6.12
N ASN D 77 27.41 -34.98 -5.99
CA ASN D 77 27.17 -34.21 -4.76
C ASN D 77 25.68 -34.03 -4.49
N TYR D 78 25.31 -34.12 -3.22
CA TYR D 78 23.90 -34.04 -2.81
C TYR D 78 23.63 -32.88 -1.87
N ASN D 79 22.34 -32.60 -1.63
CA ASN D 79 21.90 -31.66 -0.62
C ASN D 79 22.14 -32.26 0.78
N PRO D 80 22.92 -31.55 1.61
CA PRO D 80 23.28 -32.05 2.94
C PRO D 80 22.14 -31.94 3.96
N SER D 81 21.17 -31.08 3.70
CA SER D 81 20.02 -30.90 4.59
C SER D 81 18.80 -31.74 4.17
N LEU D 82 19.05 -32.78 3.37
CA LEU D 82 18.00 -33.72 2.97
C LEU D 82 17.65 -34.67 4.10
N LYS D 83 16.36 -34.78 4.39
CA LYS D 83 15.84 -35.65 5.44
C LYS D 83 15.83 -37.13 5.03
N SER D 84 15.92 -37.35 3.72
CA SER D 84 16.03 -38.70 3.15
C SER D 84 17.51 -39.09 3.00
N ARG D 85 17.75 -40.22 2.34
CA ARG D 85 19.11 -40.73 2.10
C ARG D 85 19.18 -41.30 0.67
N ILE D 86 19.78 -40.54 -0.22
CA ILE D 86 19.65 -40.78 -1.66
C ILE D 86 20.95 -41.20 -2.31
N SER D 87 20.86 -41.62 -3.57
CA SER D 87 22.02 -42.02 -4.36
C SER D 87 21.76 -41.75 -5.84
N ILE D 88 22.74 -41.16 -6.51
CA ILE D 88 22.60 -40.88 -7.94
C ILE D 88 23.68 -41.60 -8.75
N THR D 89 23.25 -42.48 -9.65
CA THR D 89 24.15 -43.27 -10.49
C THR D 89 23.85 -43.01 -11.96
N ARG D 90 24.52 -43.73 -12.85
CA ARG D 90 24.31 -43.56 -14.30
C ARG D 90 24.70 -44.78 -15.16
N ASP D 91 24.14 -44.83 -16.36
CA ASP D 91 24.56 -45.76 -17.39
C ASP D 91 24.92 -44.97 -18.64
N THR D 92 26.21 -44.90 -18.94
CA THR D 92 26.74 -44.07 -20.04
C THR D 92 26.23 -44.50 -21.42
N SER D 93 26.12 -45.81 -21.64
CA SER D 93 25.71 -46.38 -22.92
C SER D 93 24.24 -46.07 -23.26
N LYS D 94 23.37 -46.24 -22.27
CA LYS D 94 21.94 -45.95 -22.44
C LYS D 94 21.64 -44.45 -22.30
N ASN D 95 22.67 -43.67 -21.95
CA ASN D 95 22.56 -42.22 -21.74
C ASN D 95 21.49 -41.84 -20.68
N GLN D 96 21.57 -42.53 -19.55
CA GLN D 96 20.60 -42.40 -18.47
C GLN D 96 21.26 -42.18 -17.12
N PHE D 97 20.57 -41.46 -16.23
CA PHE D 97 20.97 -41.37 -14.83
C PHE D 97 19.80 -41.63 -13.88
N PHE D 98 20.10 -42.11 -12.68
CA PHE D 98 19.08 -42.65 -11.79
C PHE D 98 19.08 -42.01 -10.41
N LEU D 99 17.90 -41.70 -9.91
CA LEU D 99 17.72 -41.33 -8.52
C LEU D 99 17.26 -42.55 -7.73
N GLN D 100 17.96 -42.82 -6.63
CA GLN D 100 17.66 -43.97 -5.79
C GLN D 100 17.24 -43.50 -4.41
N LEU D 101 16.00 -43.81 -4.06
CA LEU D 101 15.46 -43.50 -2.76
C LEU D 101 15.69 -44.68 -1.83
N SER D 102 15.75 -44.45 -0.54
CA SER D 102 15.98 -45.54 0.39
C SER D 102 15.06 -45.45 1.60
N SER D 103 14.48 -46.59 1.96
CA SER D 103 13.56 -46.75 3.05
C SER D 103 12.57 -45.61 3.04
N VAL D 104 11.87 -45.52 1.93
CA VAL D 104 10.95 -44.41 1.65
C VAL D 104 9.74 -44.34 2.58
N THR D 105 9.38 -43.12 2.97
CA THR D 105 8.17 -42.89 3.78
C THR D 105 7.20 -41.94 3.09
N ILE D 106 5.99 -41.83 3.62
CA ILE D 106 4.92 -41.00 3.03
C ILE D 106 5.31 -39.55 2.71
N GLU D 107 6.26 -39.00 3.45
CA GLU D 107 6.77 -37.64 3.24
C GLU D 107 7.53 -37.52 1.90
N ASP D 108 7.84 -38.65 1.28
CA ASP D 108 8.58 -38.69 0.02
C ASP D 108 7.65 -38.75 -1.19
N THR D 109 6.36 -38.55 -0.94
CA THR D 109 5.37 -38.41 -2.00
C THR D 109 5.56 -37.04 -2.66
N ALA D 110 6.04 -37.06 -3.91
CA ALA D 110 6.39 -35.84 -4.63
C ALA D 110 6.44 -36.06 -6.14
N THR D 111 6.52 -34.97 -6.89
CA THR D 111 6.72 -35.05 -8.34
C THR D 111 8.20 -34.90 -8.64
N TYR D 112 8.77 -35.89 -9.29
CA TYR D 112 10.23 -35.96 -9.45
C TYR D 112 10.70 -35.53 -10.83
N TYR D 113 11.47 -34.45 -10.83
CA TYR D 113 11.99 -33.85 -12.05
C TYR D 113 13.48 -34.10 -12.17
N CYS D 114 13.94 -34.33 -13.40
CA CYS D 114 15.36 -34.35 -13.70
C CYS D 114 15.69 -33.16 -14.59
N ALA D 115 16.87 -32.58 -14.37
CA ALA D 115 17.26 -31.36 -15.07
C ALA D 115 18.77 -31.29 -15.35
N ARG D 116 19.13 -30.55 -16.40
CA ARG D 116 20.52 -30.32 -16.73
C ARG D 116 20.96 -28.99 -16.10
N GLY D 117 22.15 -29.00 -15.51
CA GLY D 117 22.68 -27.80 -14.85
C GLY D 117 23.99 -27.32 -15.44
N THR D 118 24.26 -26.03 -15.28
CA THR D 118 25.53 -25.44 -15.72
C THR D 118 26.12 -24.58 -14.62
N ILE D 119 27.44 -24.65 -14.49
CA ILE D 119 28.17 -23.89 -13.46
C ILE D 119 28.36 -22.43 -13.86
N TYR D 120 28.54 -22.19 -15.16
CA TYR D 120 28.79 -20.85 -15.69
C TYR D 120 27.58 -19.93 -15.54
N GLU D 121 26.38 -20.47 -15.78
CA GLU D 121 25.15 -19.71 -15.59
C GLU D 121 24.57 -19.92 -14.19
N GLY D 122 25.15 -20.87 -13.46
CA GLY D 122 24.69 -21.21 -12.11
C GLY D 122 23.22 -21.54 -12.02
N SER D 123 22.71 -22.27 -13.01
CA SER D 123 21.29 -22.55 -13.14
C SER D 123 21.00 -23.86 -13.83
N LEU D 124 19.77 -24.34 -13.65
CA LEU D 124 19.25 -25.50 -14.38
C LEU D 124 18.55 -24.98 -15.62
N ASP D 125 19.09 -25.32 -16.79
CA ASP D 125 18.63 -24.74 -18.05
C ASP D 125 17.51 -25.53 -18.74
N TYR D 126 17.62 -26.86 -18.71
CA TYR D 126 16.61 -27.74 -19.31
C TYR D 126 15.96 -28.61 -18.26
N TRP D 127 14.64 -28.77 -18.37
CA TRP D 127 13.87 -29.57 -17.42
C TRP D 127 13.17 -30.70 -18.13
N GLY D 128 12.82 -31.74 -17.37
CA GLY D 128 12.04 -32.85 -17.87
C GLY D 128 10.62 -32.84 -17.32
N GLN D 129 9.74 -33.62 -17.93
CA GLN D 129 8.34 -33.72 -17.49
C GLN D 129 8.25 -34.70 -16.32
N GLY D 130 8.05 -34.16 -15.13
CA GLY D 130 8.13 -34.93 -13.89
C GLY D 130 7.27 -36.18 -13.81
N THR D 131 7.78 -37.19 -13.13
CA THR D 131 7.00 -38.38 -12.78
C THR D 131 6.52 -38.27 -11.33
N THR D 132 5.29 -38.68 -11.09
CA THR D 132 4.74 -38.63 -9.73
C THR D 132 5.02 -39.94 -8.97
N LEU D 133 5.47 -39.81 -7.73
CA LEU D 133 5.75 -40.97 -6.88
C LEU D 133 4.87 -40.95 -5.65
N THR D 134 4.03 -41.96 -5.49
CA THR D 134 3.11 -42.04 -4.36
C THR D 134 3.53 -43.15 -3.41
N VAL D 135 3.60 -42.80 -2.12
CA VAL D 135 3.95 -43.75 -1.07
C VAL D 135 2.69 -44.07 -0.27
N SER D 136 2.28 -45.33 -0.33
CA SER D 136 1.06 -45.79 0.35
C SER D 136 1.07 -47.30 0.56
N SER D 137 0.52 -47.73 1.70
CA SER D 137 0.39 -49.15 2.01
C SER D 137 -0.98 -49.69 1.58
N ALA D 138 -1.82 -48.82 1.02
CA ALA D 138 -3.17 -49.17 0.60
C ALA D 138 -3.17 -49.98 -0.68
N LYS D 139 -3.96 -51.06 -0.68
CA LYS D 139 -4.11 -51.91 -1.88
C LYS D 139 -5.25 -51.41 -2.75
N THR D 140 -5.39 -52.00 -3.93
CA THR D 140 -6.39 -51.58 -4.92
C THR D 140 -7.83 -51.80 -4.42
N THR D 141 -8.58 -50.72 -4.27
CA THR D 141 -10.01 -50.79 -3.97
C THR D 141 -10.79 -49.98 -5.02
N PRO D 142 -11.92 -50.53 -5.53
CA PRO D 142 -12.73 -49.81 -6.51
C PRO D 142 -13.58 -48.73 -5.85
N PRO D 143 -14.05 -47.74 -6.64
CA PRO D 143 -14.82 -46.62 -6.10
C PRO D 143 -16.27 -46.96 -5.79
N SER D 144 -16.95 -46.04 -5.10
CA SER D 144 -18.38 -46.11 -4.88
C SER D 144 -18.97 -44.81 -5.36
N VAL D 145 -19.87 -44.91 -6.33
CA VAL D 145 -20.47 -43.75 -6.97
C VAL D 145 -21.85 -43.50 -6.40
N TYR D 146 -22.04 -42.32 -5.81
CA TYR D 146 -23.33 -41.91 -5.29
C TYR D 146 -23.76 -40.59 -5.96
N PRO D 147 -24.98 -40.56 -6.52
CA PRO D 147 -25.48 -39.36 -7.18
C PRO D 147 -25.85 -38.29 -6.17
N LEU D 148 -25.83 -37.03 -6.60
CA LEU D 148 -26.32 -35.92 -5.79
C LEU D 148 -27.43 -35.18 -6.51
N ALA D 149 -28.60 -35.17 -5.89
CA ALA D 149 -29.78 -34.49 -6.41
C ALA D 149 -30.45 -33.71 -5.28
N PRO D 150 -31.08 -32.57 -5.60
CA PRO D 150 -31.76 -31.72 -4.61
C PRO D 150 -32.90 -32.42 -3.85
N GLY D 151 -33.36 -31.80 -2.76
CA GLY D 151 -34.45 -32.31 -1.94
C GLY D 151 -35.78 -31.62 -2.24
N ASN D 157 -36.66 -20.09 -10.63
CA ASN D 157 -35.41 -20.85 -10.48
C ASN D 157 -34.98 -21.18 -11.91
N SER D 158 -33.77 -20.77 -12.29
CA SER D 158 -33.33 -21.02 -13.64
C SER D 158 -32.41 -22.18 -13.71
N MET D 159 -31.31 -22.10 -13.00
CA MET D 159 -30.35 -23.15 -13.04
C MET D 159 -30.46 -24.06 -11.87
N VAL D 160 -29.92 -25.23 -12.04
CA VAL D 160 -29.92 -26.25 -11.01
C VAL D 160 -28.63 -27.06 -11.06
N THR D 161 -28.08 -27.34 -9.88
CA THR D 161 -26.79 -28.02 -9.78
C THR D 161 -26.98 -29.45 -9.32
N LEU D 162 -26.47 -30.39 -10.13
CA LEU D 162 -26.45 -31.80 -9.79
C LEU D 162 -25.01 -32.20 -9.49
N GLY D 163 -24.83 -33.40 -8.95
CA GLY D 163 -23.51 -33.82 -8.51
C GLY D 163 -23.25 -35.31 -8.54
N CYS D 164 -22.01 -35.65 -8.24
CA CYS D 164 -21.52 -37.02 -8.27
C CYS D 164 -20.49 -37.18 -7.17
N LEU D 165 -20.62 -38.23 -6.37
CA LEU D 165 -19.64 -38.53 -5.34
C LEU D 165 -18.95 -39.87 -5.62
N VAL D 166 -17.66 -39.78 -5.95
CA VAL D 166 -16.83 -40.95 -6.13
C VAL D 166 -16.03 -41.09 -4.84
N LYS D 167 -16.10 -42.25 -4.20
CA LYS D 167 -15.56 -42.40 -2.84
C LYS D 167 -14.83 -43.71 -2.57
N GLY D 168 -13.69 -43.61 -1.88
CA GLY D 168 -12.97 -44.77 -1.37
C GLY D 168 -12.26 -45.62 -2.41
N TYR D 169 -11.63 -44.98 -3.37
CA TYR D 169 -10.91 -45.70 -4.44
C TYR D 169 -9.39 -45.61 -4.28
N PHE D 170 -8.69 -46.57 -4.87
CA PHE D 170 -7.24 -46.60 -4.87
C PHE D 170 -6.69 -47.49 -5.99
N PRO D 171 -5.64 -47.02 -6.70
CA PRO D 171 -5.07 -45.67 -6.60
C PRO D 171 -5.69 -44.73 -7.64
N GLU D 172 -5.06 -43.57 -7.82
CA GLU D 172 -5.46 -42.62 -8.85
C GLU D 172 -5.00 -43.10 -10.23
N PRO D 173 -5.59 -42.58 -11.32
CA PRO D 173 -6.67 -41.59 -11.29
C PRO D 173 -8.06 -42.20 -11.55
N VAL D 174 -9.08 -41.35 -11.52
CA VAL D 174 -10.37 -41.67 -12.08
C VAL D 174 -10.70 -40.69 -13.21
N THR D 175 -11.46 -41.18 -14.20
CA THR D 175 -12.01 -40.30 -15.22
C THR D 175 -13.49 -40.10 -14.91
N VAL D 176 -13.86 -38.83 -14.74
CA VAL D 176 -15.24 -38.45 -14.51
C VAL D 176 -15.73 -37.56 -15.65
N THR D 177 -16.72 -38.05 -16.40
CA THR D 177 -17.38 -37.26 -17.45
C THR D 177 -18.88 -37.20 -17.22
N TRP D 178 -19.53 -36.22 -17.84
CA TRP D 178 -21.00 -36.09 -17.77
C TRP D 178 -21.60 -36.25 -19.13
N ASN D 179 -22.65 -37.07 -19.21
CA ASN D 179 -23.29 -37.43 -20.48
C ASN D 179 -22.25 -37.82 -21.53
N SER D 180 -21.28 -38.63 -21.10
CA SER D 180 -20.23 -39.17 -21.96
C SER D 180 -19.46 -38.09 -22.71
N GLY D 181 -19.12 -37.01 -22.01
CA GLY D 181 -18.32 -35.93 -22.58
C GLY D 181 -19.08 -34.84 -23.30
N SER D 182 -20.32 -35.11 -23.69
CA SER D 182 -21.13 -34.14 -24.43
C SER D 182 -21.55 -32.95 -23.56
N LEU D 183 -21.52 -33.16 -22.24
CA LEU D 183 -21.83 -32.12 -21.26
C LEU D 183 -20.55 -31.73 -20.54
N SER D 184 -20.10 -30.49 -20.74
CA SER D 184 -18.81 -30.04 -20.21
C SER D 184 -18.81 -28.60 -19.70
N SER D 185 -19.86 -27.84 -20.05
CA SER D 185 -19.96 -26.41 -19.74
C SER D 185 -20.01 -26.08 -18.24
N GLY D 186 -21.01 -26.62 -17.54
CA GLY D 186 -21.18 -26.31 -16.12
C GLY D 186 -20.53 -27.34 -15.22
N VAL D 187 -19.39 -27.87 -15.67
CA VAL D 187 -18.75 -28.99 -14.98
C VAL D 187 -17.59 -28.53 -14.09
N HIS D 188 -17.62 -28.98 -12.84
CA HIS D 188 -16.51 -28.77 -11.92
C HIS D 188 -16.10 -30.08 -11.32
N THR D 189 -14.98 -30.60 -11.80
CA THR D 189 -14.38 -31.80 -11.23
C THR D 189 -13.29 -31.37 -10.25
N PHE D 190 -13.39 -31.86 -9.03
CA PHE D 190 -12.50 -31.46 -7.95
C PHE D 190 -11.38 -32.47 -7.73
N PRO D 191 -10.19 -31.98 -7.36
CA PRO D 191 -9.05 -32.87 -7.08
C PRO D 191 -9.36 -33.83 -5.96
N ALA D 192 -8.80 -35.04 -6.05
CA ALA D 192 -9.03 -36.09 -5.04
C ALA D 192 -8.42 -35.75 -3.70
N VAL D 193 -9.15 -36.08 -2.63
CA VAL D 193 -8.71 -35.87 -1.26
C VAL D 193 -8.49 -37.22 -0.59
N LEU D 194 -7.38 -37.36 0.12
CA LEU D 194 -7.05 -38.60 0.82
C LEU D 194 -7.87 -38.70 2.11
N GLN D 195 -8.31 -39.93 2.44
CA GLN D 195 -9.07 -40.23 3.66
C GLN D 195 -8.94 -41.71 3.99
N SER D 196 -8.28 -42.00 5.11
CA SER D 196 -8.00 -43.38 5.55
C SER D 196 -7.32 -44.19 4.43
N ASP D 197 -6.24 -43.61 3.91
CA ASP D 197 -5.46 -44.17 2.80
C ASP D 197 -6.24 -44.37 1.49
N LEU D 198 -7.43 -43.78 1.40
CA LEU D 198 -8.29 -43.92 0.22
C LEU D 198 -8.77 -42.57 -0.30
N TYR D 199 -8.83 -42.44 -1.62
CA TYR D 199 -9.22 -41.18 -2.27
C TYR D 199 -10.74 -41.00 -2.39
N THR D 200 -11.16 -39.75 -2.36
CA THR D 200 -12.55 -39.36 -2.55
C THR D 200 -12.58 -38.04 -3.32
N LEU D 201 -13.39 -37.97 -4.37
CA LEU D 201 -13.58 -36.72 -5.09
C LEU D 201 -15.03 -36.45 -5.44
N SER D 202 -15.31 -35.21 -5.83
CA SER D 202 -16.65 -34.79 -6.18
C SER D 202 -16.67 -34.17 -7.58
N SER D 203 -17.87 -34.06 -8.14
CA SER D 203 -18.06 -33.45 -9.44
C SER D 203 -19.48 -32.87 -9.48
N SER D 204 -19.57 -31.61 -9.88
CA SER D 204 -20.86 -30.94 -9.96
C SER D 204 -21.16 -30.48 -11.39
N VAL D 205 -22.44 -30.50 -11.73
CA VAL D 205 -22.91 -30.04 -13.03
C VAL D 205 -24.10 -29.11 -12.88
N THR D 206 -23.99 -27.91 -13.45
CA THR D 206 -25.07 -26.94 -13.42
C THR D 206 -25.74 -26.84 -14.80
N VAL D 207 -27.06 -27.02 -14.79
CA VAL D 207 -27.88 -26.96 -16.01
C VAL D 207 -29.13 -26.10 -15.80
N PRO D 208 -29.76 -25.65 -16.89
CA PRO D 208 -31.07 -24.97 -16.80
C PRO D 208 -32.13 -25.88 -16.22
N SER D 209 -33.04 -25.31 -15.43
CA SER D 209 -34.12 -26.08 -14.77
C SER D 209 -35.16 -26.64 -15.74
N SER D 210 -35.25 -26.02 -16.92
CA SER D 210 -36.12 -26.49 -17.99
C SER D 210 -35.52 -27.69 -18.71
N THR D 211 -34.28 -28.03 -18.37
CA THR D 211 -33.52 -29.08 -19.05
C THR D 211 -33.39 -30.34 -18.17
N TRP D 212 -33.64 -30.20 -16.88
CA TRP D 212 -33.63 -31.37 -15.98
C TRP D 212 -34.79 -31.32 -15.02
N PRO D 213 -35.51 -32.44 -14.83
CA PRO D 213 -35.26 -33.77 -15.42
C PRO D 213 -35.82 -33.98 -16.83
N SER D 214 -36.21 -32.88 -17.47
CA SER D 214 -36.66 -32.89 -18.87
C SER D 214 -35.71 -33.67 -19.79
N GLU D 215 -34.41 -33.66 -19.48
CA GLU D 215 -33.41 -34.37 -20.24
C GLU D 215 -32.48 -35.18 -19.35
N THR D 216 -31.86 -36.20 -19.94
CA THR D 216 -31.03 -37.14 -19.21
C THR D 216 -29.69 -36.53 -18.79
N VAL D 217 -29.37 -36.74 -17.52
CA VAL D 217 -28.05 -36.39 -16.99
C VAL D 217 -27.47 -37.62 -16.31
N THR D 218 -26.42 -38.19 -16.90
CA THR D 218 -25.73 -39.34 -16.30
C THR D 218 -24.27 -39.04 -16.01
N CYS D 219 -23.77 -39.68 -14.96
CA CYS D 219 -22.40 -39.50 -14.51
C CYS D 219 -21.57 -40.70 -14.92
N ASN D 220 -20.44 -40.45 -15.56
CA ASN D 220 -19.56 -41.53 -16.02
C ASN D 220 -18.25 -41.53 -15.26
N VAL D 221 -18.03 -42.61 -14.51
CA VAL D 221 -16.80 -42.78 -13.71
C VAL D 221 -16.03 -43.98 -14.22
N ALA D 222 -14.73 -43.79 -14.43
CA ALA D 222 -13.82 -44.87 -14.83
C ALA D 222 -12.67 -45.01 -13.83
N HIS D 223 -12.35 -46.24 -13.48
CA HIS D 223 -11.22 -46.52 -12.57
C HIS D 223 -10.44 -47.71 -13.10
N PRO D 224 -9.57 -47.48 -14.09
CA PRO D 224 -8.86 -48.55 -14.80
C PRO D 224 -7.98 -49.44 -13.93
N ALA D 225 -7.52 -48.91 -12.80
CA ALA D 225 -6.69 -49.66 -11.86
C ALA D 225 -7.43 -50.84 -11.24
N SER D 226 -8.74 -50.71 -11.04
CA SER D 226 -9.58 -51.81 -10.59
C SER D 226 -10.43 -52.37 -11.74
N SER D 227 -10.30 -51.74 -12.91
CA SER D 227 -11.04 -52.12 -14.14
C SER D 227 -12.55 -51.96 -13.98
N THR D 228 -12.96 -50.79 -13.51
CA THR D 228 -14.37 -50.50 -13.24
C THR D 228 -14.86 -49.30 -14.04
N LYS D 229 -15.99 -49.47 -14.72
CA LYS D 229 -16.65 -48.34 -15.41
C LYS D 229 -18.11 -48.31 -14.99
N VAL D 230 -18.55 -47.16 -14.46
CA VAL D 230 -19.88 -47.02 -13.84
C VAL D 230 -20.62 -45.84 -14.43
N ASP D 231 -21.88 -46.07 -14.81
CA ASP D 231 -22.80 -44.99 -15.18
C ASP D 231 -23.89 -44.86 -14.12
N LYS D 232 -24.03 -43.63 -13.63
CA LYS D 232 -25.06 -43.30 -12.65
C LYS D 232 -25.91 -42.17 -13.18
N LYS D 233 -27.19 -42.46 -13.43
CA LYS D 233 -28.14 -41.43 -13.85
C LYS D 233 -28.66 -40.67 -12.63
N ILE D 234 -28.64 -39.35 -12.72
CA ILE D 234 -29.18 -38.51 -11.65
C ILE D 234 -30.69 -38.39 -11.80
N VAL D 235 -31.39 -38.85 -10.76
CA VAL D 235 -32.86 -38.88 -10.72
C VAL D 235 -33.38 -38.01 -9.60
N PRO D 236 -34.46 -37.25 -9.85
CA PRO D 236 -35.07 -36.39 -8.82
C PRO D 236 -35.60 -37.18 -7.65
N ARG D 237 -35.41 -36.67 -6.44
CA ARG D 237 -35.98 -37.29 -5.24
C ARG D 237 -37.33 -36.66 -4.91
N ASP D 238 -38.28 -37.46 -4.40
CA ASP D 238 -39.61 -36.97 -4.06
C ASP D 238 -39.66 -36.30 -2.70
N CYS D 239 -40.02 -35.02 -2.68
CA CYS D 239 -40.22 -34.27 -1.43
C CYS D 239 -41.31 -33.22 -1.59
N ASP E 21 21.04 -23.16 5.48
CA ASP E 21 20.42 -22.97 4.14
C ASP E 21 19.93 -21.53 3.93
N VAL E 22 20.09 -21.05 2.71
CA VAL E 22 19.65 -19.71 2.32
C VAL E 22 18.16 -19.73 1.99
N VAL E 23 17.42 -18.84 2.63
CA VAL E 23 15.95 -18.80 2.49
C VAL E 23 15.52 -17.77 1.45
N MET E 24 14.63 -18.20 0.57
CA MET E 24 14.08 -17.33 -0.47
C MET E 24 12.62 -17.08 -0.20
N THR E 25 12.27 -15.84 0.12
CA THR E 25 10.87 -15.45 0.32
C THR E 25 10.40 -14.62 -0.85
N GLN E 26 9.17 -14.90 -1.30
CA GLN E 26 8.55 -14.20 -2.40
C GLN E 26 7.32 -13.43 -1.96
N THR E 27 7.12 -12.26 -2.59
CA THR E 27 6.01 -11.36 -2.27
C THR E 27 5.38 -10.85 -3.55
N PRO E 28 4.04 -10.94 -3.67
CA PRO E 28 3.13 -11.60 -2.71
C PRO E 28 2.99 -13.09 -2.97
N LEU E 29 2.11 -13.76 -2.25
CA LEU E 29 1.76 -15.16 -2.52
C LEU E 29 0.99 -15.28 -3.84
N THR E 30 0.06 -14.35 -4.04
CA THR E 30 -0.75 -14.30 -5.25
C THR E 30 -0.87 -12.88 -5.76
N LEU E 31 -0.71 -12.72 -7.07
CA LEU E 31 -0.88 -11.44 -7.73
C LEU E 31 -1.96 -11.49 -8.79
N SER E 32 -2.97 -10.63 -8.63
CA SER E 32 -4.11 -10.55 -9.56
C SER E 32 -3.83 -9.54 -10.66
N VAL E 33 -3.66 -10.03 -11.88
CA VAL E 33 -3.22 -9.20 -13.01
C VAL E 33 -4.32 -8.99 -14.06
N THR E 34 -4.13 -7.98 -14.89
CA THR E 34 -4.99 -7.73 -16.05
C THR E 34 -4.18 -7.88 -17.33
N ILE E 35 -4.70 -8.66 -18.28
CA ILE E 35 -4.13 -8.72 -19.62
C ILE E 35 -3.93 -7.30 -20.12
N GLY E 36 -2.70 -6.99 -20.54
CA GLY E 36 -2.37 -5.65 -21.04
C GLY E 36 -1.60 -4.83 -20.03
N GLN E 37 -1.89 -5.07 -18.74
CA GLN E 37 -1.28 -4.32 -17.64
C GLN E 37 0.06 -4.94 -17.19
N PRO E 38 1.00 -4.09 -16.74
CA PRO E 38 2.27 -4.59 -16.21
C PRO E 38 2.13 -5.23 -14.82
N ALA E 39 3.02 -6.17 -14.52
CA ALA E 39 3.05 -6.84 -13.23
C ALA E 39 4.47 -6.98 -12.69
N SER E 40 4.59 -6.99 -11.36
CA SER E 40 5.88 -7.12 -10.69
C SER E 40 5.77 -7.98 -9.44
N ILE E 41 6.75 -8.87 -9.28
CA ILE E 41 6.84 -9.72 -8.09
C ILE E 41 8.26 -9.69 -7.55
N SER E 42 8.39 -9.95 -6.26
CA SER E 42 9.66 -9.76 -5.57
C SER E 42 10.20 -11.04 -4.96
N CYS E 43 11.50 -11.05 -4.77
CA CYS E 43 12.20 -12.14 -4.08
C CYS E 43 13.26 -11.56 -3.14
N LYS E 44 13.19 -11.96 -1.87
CA LYS E 44 14.17 -11.57 -0.85
C LYS E 44 14.94 -12.79 -0.36
N SER E 45 16.24 -12.63 -0.18
CA SER E 45 17.10 -13.74 0.31
C SER E 45 17.69 -13.46 1.69
N SER E 46 17.89 -14.51 2.46
CA SER E 46 18.45 -14.44 3.82
C SER E 46 19.95 -14.09 3.82
N GLN E 47 20.62 -14.27 2.69
CA GLN E 47 22.01 -13.90 2.52
C GLN E 47 22.24 -13.32 1.14
N SER E 48 23.31 -12.55 0.99
CA SER E 48 23.64 -11.94 -0.30
C SER E 48 23.99 -13.02 -1.34
N LEU E 49 23.57 -12.79 -2.57
CA LEU E 49 23.79 -13.73 -3.64
C LEU E 49 24.93 -13.31 -4.58
N LEU E 50 25.65 -12.25 -4.20
CA LEU E 50 26.85 -11.85 -4.91
C LEU E 50 28.01 -12.79 -4.60
N TYR E 51 28.41 -13.56 -5.60
CA TYR E 51 29.52 -14.53 -5.48
C TYR E 51 30.84 -13.81 -5.67
N SER E 52 31.92 -14.43 -5.19
CA SER E 52 33.26 -13.82 -5.22
C SER E 52 33.77 -13.50 -6.64
N ASP E 53 33.20 -14.16 -7.66
CA ASP E 53 33.52 -13.88 -9.04
C ASP E 53 32.78 -12.64 -9.59
N GLY E 54 32.06 -11.96 -8.71
CA GLY E 54 31.33 -10.75 -9.07
C GLY E 54 30.01 -11.00 -9.78
N LYS E 55 29.61 -12.27 -9.85
CA LYS E 55 28.34 -12.66 -10.48
C LYS E 55 27.32 -13.05 -9.42
N THR E 56 26.04 -12.84 -9.75
CA THR E 56 24.94 -13.08 -8.85
C THR E 56 24.00 -14.14 -9.45
N TYR E 57 24.10 -15.35 -8.92
CA TYR E 57 23.41 -16.50 -9.49
C TYR E 57 21.99 -16.65 -8.96
N LEU E 58 21.10 -15.78 -9.46
CA LEU E 58 19.68 -15.88 -9.15
C LEU E 58 18.87 -16.16 -10.40
N ASN E 59 17.96 -17.12 -10.31
CA ASN E 59 17.19 -17.58 -11.45
C ASN E 59 15.69 -17.42 -11.23
N TRP E 60 14.96 -17.16 -12.32
CA TRP E 60 13.51 -17.20 -12.29
C TRP E 60 12.99 -18.42 -13.00
N LEU E 61 12.12 -19.15 -12.32
CA LEU E 61 11.53 -20.36 -12.85
C LEU E 61 10.00 -20.21 -13.03
N PHE E 62 9.50 -20.61 -14.18
CA PHE E 62 8.07 -20.53 -14.48
C PHE E 62 7.42 -21.91 -14.64
N GLN E 63 6.26 -22.08 -14.02
CA GLN E 63 5.52 -23.34 -14.10
C GLN E 63 4.01 -23.09 -14.21
N ARG E 64 3.41 -23.74 -15.20
CA ARG E 64 1.95 -23.74 -15.37
C ARG E 64 1.32 -24.84 -14.52
N PRO E 65 0.04 -24.66 -14.10
CA PRO E 65 -0.60 -25.63 -13.20
C PRO E 65 -0.67 -27.05 -13.79
N GLY E 66 0.12 -27.96 -13.23
CA GLY E 66 0.13 -29.36 -13.64
C GLY E 66 1.06 -29.66 -14.79
N GLN E 67 2.12 -28.87 -14.93
CA GLN E 67 3.14 -29.10 -15.96
C GLN E 67 4.54 -29.15 -15.36
N SER E 68 5.53 -29.24 -16.24
CA SER E 68 6.93 -29.21 -15.85
C SER E 68 7.44 -27.77 -15.92
N PRO E 69 8.33 -27.38 -14.97
CA PRO E 69 8.91 -26.05 -14.94
C PRO E 69 9.74 -25.75 -16.17
N LYS E 70 9.93 -24.46 -16.43
CA LYS E 70 10.78 -23.98 -17.51
C LYS E 70 11.57 -22.77 -16.98
N ARG E 71 12.86 -22.74 -17.23
CA ARG E 71 13.68 -21.61 -16.80
C ARG E 71 13.26 -20.38 -17.58
N LEU E 72 13.30 -19.23 -16.91
CA LEU E 72 12.83 -17.99 -17.52
C LEU E 72 13.98 -16.99 -17.58
N ILE E 73 14.64 -16.78 -16.43
CA ILE E 73 15.76 -15.86 -16.32
C ILE E 73 16.89 -16.46 -15.49
N TYR E 74 18.11 -16.33 -15.98
CA TYR E 74 19.29 -16.71 -15.23
C TYR E 74 20.19 -15.48 -15.05
N LEU E 75 21.03 -15.53 -14.02
CA LEU E 75 21.94 -14.43 -13.69
C LEU E 75 21.23 -13.08 -13.65
N VAL E 76 20.24 -12.98 -12.76
CA VAL E 76 19.50 -11.73 -12.45
C VAL E 76 18.60 -11.25 -13.58
N SER E 77 19.17 -10.99 -14.76
CA SER E 77 18.45 -10.29 -15.83
C SER E 77 18.48 -10.95 -17.20
N LYS E 78 19.34 -11.95 -17.36
CA LYS E 78 19.55 -12.56 -18.69
C LYS E 78 18.47 -13.56 -19.03
N LEU E 79 17.83 -13.33 -20.18
CA LEU E 79 16.67 -14.12 -20.61
C LEU E 79 17.03 -15.44 -21.26
N ASP E 80 16.20 -16.44 -21.04
CA ASP E 80 16.36 -17.74 -21.68
C ASP E 80 15.86 -17.68 -23.13
N SER E 81 16.39 -18.56 -23.98
CA SER E 81 16.20 -18.51 -25.44
C SER E 81 14.79 -18.16 -25.91
N GLY E 82 13.79 -18.84 -25.34
CA GLY E 82 12.40 -18.69 -25.78
C GLY E 82 11.67 -17.45 -25.27
N VAL E 83 12.02 -17.02 -24.07
CA VAL E 83 11.30 -15.97 -23.33
C VAL E 83 11.28 -14.62 -24.08
N PRO E 84 10.07 -14.07 -24.31
CA PRO E 84 9.88 -12.77 -24.96
C PRO E 84 10.38 -11.61 -24.13
N ASP E 85 10.90 -10.58 -24.79
CA ASP E 85 11.61 -9.46 -24.11
C ASP E 85 10.70 -8.53 -23.28
N ARG E 86 9.43 -8.89 -23.16
CA ARG E 86 8.50 -8.20 -22.26
C ARG E 86 8.70 -8.64 -20.79
N PHE E 87 9.60 -9.61 -20.59
CA PHE E 87 10.06 -10.01 -19.28
C PHE E 87 11.36 -9.30 -18.93
N THR E 88 11.55 -9.01 -17.64
CA THR E 88 12.77 -8.35 -17.15
C THR E 88 13.08 -8.76 -15.72
N GLY E 89 14.34 -9.13 -15.48
CA GLY E 89 14.85 -9.38 -14.14
C GLY E 89 15.68 -8.21 -13.65
N SER E 90 15.52 -7.85 -12.37
CA SER E 90 16.25 -6.75 -11.77
C SER E 90 16.77 -7.14 -10.38
N GLY E 91 17.74 -6.37 -9.88
CA GLY E 91 18.17 -6.45 -8.49
C GLY E 91 19.61 -6.82 -8.27
N SER E 92 20.01 -6.83 -7.00
CA SER E 92 21.36 -7.21 -6.58
C SER E 92 21.36 -7.47 -5.08
N GLY E 93 22.39 -8.19 -4.60
CA GLY E 93 22.55 -8.46 -3.17
C GLY E 93 21.52 -9.44 -2.65
N ILE E 94 20.49 -8.92 -2.00
CA ILE E 94 19.42 -9.75 -1.40
C ILE E 94 18.04 -9.48 -1.99
N ASP E 95 17.89 -8.41 -2.76
CA ASP E 95 16.60 -8.00 -3.31
C ASP E 95 16.54 -8.12 -4.83
N PHE E 96 15.58 -8.91 -5.30
CA PHE E 96 15.43 -9.19 -6.73
C PHE E 96 13.97 -9.09 -7.15
N LYS E 97 13.73 -8.60 -8.37
CA LYS E 97 12.39 -8.40 -8.88
C LYS E 97 12.21 -8.86 -10.32
N LEU E 98 11.17 -9.65 -10.54
CA LEU E 98 10.75 -10.05 -11.87
C LEU E 98 9.65 -9.11 -12.34
N LYS E 99 9.82 -8.54 -13.52
CA LYS E 99 8.89 -7.57 -14.05
C LYS E 99 8.41 -7.94 -15.45
N ILE E 100 7.10 -7.91 -15.63
CA ILE E 100 6.50 -8.12 -16.95
C ILE E 100 5.73 -6.85 -17.37
N SER E 101 6.13 -6.29 -18.50
CA SER E 101 5.65 -4.99 -18.98
C SER E 101 4.22 -5.01 -19.51
N ARG E 102 3.79 -6.17 -20.00
CA ARG E 102 2.45 -6.37 -20.53
C ARG E 102 2.08 -7.84 -20.44
N VAL E 103 1.27 -8.19 -19.44
CA VAL E 103 0.96 -9.60 -19.18
C VAL E 103 0.02 -10.17 -20.23
N GLU E 104 0.31 -11.40 -20.65
CA GLU E 104 -0.51 -12.13 -21.59
C GLU E 104 -1.01 -13.39 -20.90
N ALA E 105 -2.06 -14.01 -21.47
CA ALA E 105 -2.64 -15.23 -20.91
C ALA E 105 -1.61 -16.33 -20.70
N GLU E 106 -0.62 -16.37 -21.58
CA GLU E 106 0.48 -17.34 -21.54
C GLU E 106 1.33 -17.23 -20.27
N ASP E 107 1.27 -16.07 -19.63
CA ASP E 107 2.11 -15.78 -18.47
C ASP E 107 1.49 -16.20 -17.14
N LEU E 108 0.27 -16.72 -17.19
CA LEU E 108 -0.41 -17.17 -15.98
C LEU E 108 0.19 -18.46 -15.46
N GLY E 109 0.32 -18.53 -14.13
CA GLY E 109 0.93 -19.68 -13.46
C GLY E 109 1.71 -19.24 -12.23
N VAL E 110 2.65 -20.06 -11.81
CA VAL E 110 3.47 -19.75 -10.63
C VAL E 110 4.93 -19.48 -11.01
N TYR E 111 5.50 -18.43 -10.41
CA TYR E 111 6.89 -18.05 -10.64
C TYR E 111 7.73 -18.26 -9.38
N TYR E 112 8.89 -18.87 -9.55
CA TYR E 112 9.82 -19.12 -8.44
C TYR E 112 11.13 -18.41 -8.66
N CYS E 113 11.66 -17.80 -7.61
CA CYS E 113 13.06 -17.37 -7.65
C CYS E 113 13.91 -18.53 -7.11
N VAL E 114 14.97 -18.84 -7.82
CA VAL E 114 15.87 -19.92 -7.42
C VAL E 114 17.32 -19.49 -7.37
N GLN E 115 17.87 -19.60 -6.17
CA GLN E 115 19.21 -19.15 -5.83
C GLN E 115 20.23 -20.26 -6.13
N GLY E 116 21.33 -19.89 -6.77
CA GLY E 116 22.36 -20.86 -7.14
C GLY E 116 23.73 -20.58 -6.54
N THR E 117 23.89 -19.40 -5.94
CA THR E 117 25.14 -18.97 -5.33
C THR E 117 25.62 -19.88 -4.19
N HIS E 118 24.77 -20.08 -3.20
CA HIS E 118 25.12 -20.87 -2.02
C HIS E 118 24.70 -22.31 -2.13
N PHE E 119 25.49 -23.16 -1.50
CA PHE E 119 25.20 -24.57 -1.39
C PHE E 119 24.52 -24.85 -0.03
N PRO E 120 23.33 -25.46 -0.03
CA PRO E 120 22.61 -25.99 -1.20
C PRO E 120 21.76 -24.96 -1.95
N GLN E 121 21.54 -25.26 -3.22
CA GLN E 121 20.68 -24.50 -4.12
C GLN E 121 19.25 -24.52 -3.58
N THR E 122 18.58 -23.37 -3.63
CA THR E 122 17.27 -23.22 -2.98
C THR E 122 16.22 -22.47 -3.82
N PHE E 123 14.97 -22.86 -3.63
CA PHE E 123 13.82 -22.31 -4.33
C PHE E 123 12.96 -21.48 -3.39
N GLY E 124 12.36 -20.41 -3.92
CA GLY E 124 11.36 -19.64 -3.19
C GLY E 124 10.02 -20.37 -3.13
N GLY E 125 9.13 -19.91 -2.28
CA GLY E 125 7.81 -20.56 -2.13
C GLY E 125 6.86 -20.34 -3.31
N GLY E 126 7.22 -19.44 -4.23
CA GLY E 126 6.45 -19.23 -5.45
C GLY E 126 5.45 -18.09 -5.33
N THR E 127 5.06 -17.56 -6.49
CA THR E 127 4.04 -16.51 -6.58
C THR E 127 3.08 -16.83 -7.71
N LYS E 128 1.82 -17.04 -7.36
CA LYS E 128 0.79 -17.26 -8.38
C LYS E 128 0.41 -15.99 -9.12
N LEU E 129 0.24 -16.12 -10.43
CA LEU E 129 -0.37 -15.08 -11.26
C LEU E 129 -1.76 -15.52 -11.69
N GLU E 130 -2.77 -14.78 -11.24
CA GLU E 130 -4.15 -15.02 -11.64
C GLU E 130 -4.75 -13.82 -12.36
N ILE E 131 -5.96 -13.99 -12.89
CA ILE E 131 -6.67 -12.90 -13.58
C ILE E 131 -7.49 -12.06 -12.59
N LYS E 132 -7.32 -10.74 -12.68
CA LYS E 132 -8.15 -9.79 -11.94
C LYS E 132 -9.55 -9.82 -12.54
N ARG E 133 -10.52 -10.17 -11.71
CA ARG E 133 -11.90 -10.33 -12.18
C ARG E 133 -12.85 -9.53 -11.30
N ALA E 134 -14.00 -9.14 -11.86
CA ALA E 134 -15.08 -8.55 -11.06
C ALA E 134 -15.52 -9.57 -10.03
N ASP E 135 -15.75 -9.11 -8.80
CA ASP E 135 -16.11 -10.00 -7.69
C ASP E 135 -17.41 -10.75 -7.95
N ALA E 136 -17.45 -12.03 -7.56
CA ALA E 136 -18.63 -12.85 -7.72
C ALA E 136 -18.96 -13.60 -6.43
N ALA E 137 -20.24 -13.59 -6.08
CA ALA E 137 -20.74 -14.33 -4.92
C ALA E 137 -20.80 -15.82 -5.22
N PRO E 138 -20.45 -16.66 -4.23
CA PRO E 138 -20.45 -18.11 -4.47
C PRO E 138 -21.85 -18.71 -4.56
N THR E 139 -22.10 -19.45 -5.64
CA THR E 139 -23.33 -20.25 -5.76
C THR E 139 -23.20 -21.48 -4.89
N VAL E 140 -23.96 -21.51 -3.81
CA VAL E 140 -23.91 -22.59 -2.82
C VAL E 140 -25.05 -23.59 -3.06
N SER E 141 -24.72 -24.86 -3.01
CA SER E 141 -25.68 -25.95 -3.17
C SER E 141 -25.34 -27.08 -2.22
N ILE E 142 -26.29 -27.42 -1.36
CA ILE E 142 -26.12 -28.49 -0.37
C ILE E 142 -26.89 -29.74 -0.82
N PHE E 143 -26.31 -30.91 -0.59
CA PHE E 143 -26.90 -32.17 -0.98
C PHE E 143 -26.84 -33.19 0.16
N PRO E 144 -28.00 -33.75 0.54
CA PRO E 144 -28.08 -34.82 1.54
C PRO E 144 -27.47 -36.10 1.00
N PRO E 145 -27.09 -37.04 1.89
CA PRO E 145 -26.57 -38.33 1.41
C PRO E 145 -27.63 -39.11 0.64
N SER E 146 -27.20 -39.92 -0.32
CA SER E 146 -28.11 -40.76 -1.10
C SER E 146 -28.48 -42.02 -0.33
N SER E 147 -29.56 -42.66 -0.75
CA SER E 147 -30.03 -43.92 -0.17
C SER E 147 -28.97 -45.02 -0.29
N GLU E 148 -28.26 -45.01 -1.43
CA GLU E 148 -27.25 -46.01 -1.76
C GLU E 148 -26.17 -46.13 -0.68
N GLN E 149 -25.67 -44.98 -0.20
CA GLN E 149 -24.58 -44.93 0.75
C GLN E 149 -25.03 -45.36 2.16
N LEU E 150 -26.24 -44.96 2.53
CA LEU E 150 -26.83 -45.31 3.82
C LEU E 150 -26.92 -46.83 4.02
N THR E 151 -27.10 -47.55 2.90
CA THR E 151 -27.13 -49.01 2.90
C THR E 151 -25.78 -49.60 3.29
N SER E 152 -24.69 -48.88 3.00
CA SER E 152 -23.33 -49.34 3.30
C SER E 152 -22.91 -49.07 4.76
N GLY E 153 -23.67 -48.24 5.45
CA GLY E 153 -23.36 -47.89 6.84
C GLY E 153 -22.55 -46.62 6.98
N GLY E 154 -22.67 -45.74 5.98
CA GLY E 154 -21.99 -44.45 5.98
C GLY E 154 -22.95 -43.35 5.54
N ALA E 155 -22.65 -42.10 5.91
CA ALA E 155 -23.46 -40.96 5.53
C ALA E 155 -22.59 -39.75 5.25
N SER E 156 -22.70 -39.22 4.03
CA SER E 156 -21.82 -38.14 3.58
C SER E 156 -22.61 -37.00 2.96
N VAL E 157 -22.50 -35.82 3.58
CA VAL E 157 -23.20 -34.62 3.11
C VAL E 157 -22.23 -33.76 2.29
N VAL E 158 -22.72 -33.25 1.16
CA VAL E 158 -21.87 -32.52 0.22
C VAL E 158 -22.36 -31.09 0.05
N CYS E 159 -21.45 -30.14 0.22
CA CYS E 159 -21.71 -28.72 -0.05
C CYS E 159 -20.85 -28.28 -1.23
N PHE E 160 -21.48 -27.66 -2.23
CA PHE E 160 -20.75 -27.13 -3.37
C PHE E 160 -20.71 -25.60 -3.32
N LEU E 161 -19.51 -25.06 -3.49
CA LEU E 161 -19.30 -23.61 -3.54
C LEU E 161 -18.74 -23.28 -4.91
N ASN E 162 -19.61 -22.84 -5.81
CA ASN E 162 -19.24 -22.71 -7.22
C ASN E 162 -19.17 -21.27 -7.74
N ASN E 163 -18.13 -21.01 -8.53
CA ASN E 163 -17.96 -19.77 -9.30
C ASN E 163 -17.89 -18.46 -8.49
N PHE E 164 -16.84 -18.32 -7.69
CA PHE E 164 -16.64 -17.12 -6.86
C PHE E 164 -15.30 -16.41 -7.12
N TYR E 165 -15.27 -15.10 -6.84
CA TYR E 165 -14.05 -14.30 -6.88
C TYR E 165 -14.06 -13.25 -5.77
N PRO E 166 -12.94 -13.08 -5.03
CA PRO E 166 -11.66 -13.81 -5.14
C PRO E 166 -11.66 -15.20 -4.48
N LYS E 167 -10.50 -15.84 -4.46
CA LYS E 167 -10.35 -17.23 -4.00
C LYS E 167 -10.68 -17.45 -2.52
N ASP E 168 -10.44 -16.43 -1.70
CA ASP E 168 -10.57 -16.55 -0.24
C ASP E 168 -11.99 -16.96 0.17
N ILE E 169 -12.07 -18.08 0.88
CA ILE E 169 -13.35 -18.66 1.28
C ILE E 169 -13.16 -19.50 2.56
N ASN E 170 -14.18 -19.54 3.40
CA ASN E 170 -14.14 -20.35 4.63
C ASN E 170 -15.48 -21.04 4.92
N VAL E 171 -15.45 -22.36 5.01
CA VAL E 171 -16.68 -23.15 5.22
C VAL E 171 -16.72 -23.86 6.57
N LYS E 172 -17.90 -23.85 7.19
CA LYS E 172 -18.11 -24.49 8.49
C LYS E 172 -19.42 -25.29 8.53
N TRP E 173 -19.41 -26.40 9.26
CA TRP E 173 -20.54 -27.31 9.32
C TRP E 173 -21.21 -27.30 10.67
N LYS E 174 -22.42 -26.75 10.69
CA LYS E 174 -23.25 -26.72 11.89
C LYS E 174 -24.62 -27.32 11.63
N ILE E 175 -24.89 -28.46 12.27
CA ILE E 175 -26.15 -29.17 12.14
C ILE E 175 -27.22 -28.45 12.94
N ASP E 176 -26.89 -28.21 14.20
CA ASP E 176 -27.76 -27.54 15.15
C ASP E 176 -26.85 -26.60 15.94
N GLY E 177 -26.09 -25.81 15.19
CA GLY E 177 -25.08 -24.89 15.72
C GLY E 177 -23.89 -25.56 16.44
N SER E 178 -23.61 -26.81 16.08
CA SER E 178 -22.56 -27.60 16.71
C SER E 178 -21.14 -27.26 16.27
N GLU E 179 -20.97 -26.93 14.99
CA GLU E 179 -19.67 -26.56 14.37
C GLU E 179 -18.68 -27.73 14.30
N ARG E 180 -19.11 -28.80 13.64
CA ARG E 180 -18.27 -29.96 13.41
C ARG E 180 -17.19 -29.70 12.37
N GLN E 181 -15.98 -30.18 12.67
CA GLN E 181 -14.84 -30.14 11.75
C GLN E 181 -14.19 -31.52 11.68
N ASN E 182 -14.78 -32.49 12.38
CA ASN E 182 -14.23 -33.83 12.46
C ASN E 182 -14.79 -34.69 11.33
N GLY E 183 -13.90 -35.07 10.42
CA GLY E 183 -14.29 -35.84 9.23
C GLY E 183 -14.62 -34.96 8.03
N VAL E 184 -14.43 -33.65 8.18
CA VAL E 184 -14.65 -32.71 7.08
C VAL E 184 -13.51 -32.77 6.06
N LEU E 185 -13.86 -32.77 4.78
CA LEU E 185 -12.90 -32.84 3.68
C LEU E 185 -13.17 -31.75 2.66
N ASN E 186 -12.15 -30.94 2.38
CA ASN E 186 -12.27 -29.81 1.47
C ASN E 186 -11.46 -29.99 0.19
N SER E 187 -11.96 -29.42 -0.90
CA SER E 187 -11.29 -29.49 -2.19
C SER E 187 -11.52 -28.23 -3.00
N TRP E 188 -10.51 -27.78 -3.72
CA TRP E 188 -10.55 -26.52 -4.46
C TRP E 188 -10.15 -26.70 -5.90
N THR E 189 -10.77 -25.93 -6.79
CA THR E 189 -10.36 -25.88 -8.18
C THR E 189 -9.36 -24.75 -8.39
N ASP E 190 -8.58 -24.86 -9.46
CA ASP E 190 -7.74 -23.75 -9.90
C ASP E 190 -8.65 -22.78 -10.65
N GLN E 191 -8.13 -21.59 -10.97
CA GLN E 191 -8.94 -20.56 -11.64
C GLN E 191 -9.47 -21.04 -12.99
N ASP E 192 -10.75 -20.78 -13.23
CA ASP E 192 -11.42 -21.21 -14.47
C ASP E 192 -10.87 -20.46 -15.69
N SER E 193 -10.74 -21.17 -16.79
CA SER E 193 -10.15 -20.60 -18.02
C SER E 193 -11.07 -19.59 -18.70
N LYS E 194 -12.31 -20.00 -18.96
CA LYS E 194 -13.30 -19.13 -19.58
C LYS E 194 -13.89 -18.10 -18.61
N ASP E 195 -13.96 -18.49 -17.34
CA ASP E 195 -14.75 -17.75 -16.35
C ASP E 195 -13.92 -16.88 -15.38
N SER E 196 -12.69 -17.32 -15.08
CA SER E 196 -11.82 -16.67 -14.10
C SER E 196 -12.31 -16.75 -12.66
N THR E 197 -13.18 -17.73 -12.38
CA THR E 197 -13.70 -17.96 -11.03
C THR E 197 -13.08 -19.18 -10.35
N TYR E 198 -13.41 -19.36 -9.08
CA TYR E 198 -12.94 -20.49 -8.29
C TYR E 198 -14.12 -21.29 -7.79
N SER E 199 -13.90 -22.58 -7.54
CA SER E 199 -14.92 -23.46 -7.00
C SER E 199 -14.37 -24.35 -5.88
N MET E 200 -15.25 -24.74 -4.96
CA MET E 200 -14.87 -25.53 -3.80
C MET E 200 -15.89 -26.62 -3.47
N SER E 201 -15.41 -27.76 -2.99
CA SER E 201 -16.26 -28.87 -2.57
C SER E 201 -15.94 -29.33 -1.15
N SER E 202 -16.86 -29.06 -0.22
CA SER E 202 -16.71 -29.47 1.18
C SER E 202 -17.64 -30.63 1.52
N THR E 203 -17.08 -31.65 2.18
CA THR E 203 -17.79 -32.90 2.43
C THR E 203 -17.62 -33.41 3.87
N LEU E 204 -18.72 -33.47 4.61
CA LEU E 204 -18.71 -34.03 5.96
C LEU E 204 -19.09 -35.51 5.94
N THR E 205 -18.10 -36.36 6.23
CA THR E 205 -18.29 -37.81 6.22
C THR E 205 -18.40 -38.35 7.64
N LEU E 206 -19.54 -38.97 7.93
CA LEU E 206 -19.79 -39.62 9.22
C LEU E 206 -20.47 -40.98 9.04
N THR E 207 -20.74 -41.66 10.15
CA THR E 207 -21.29 -43.02 10.12
C THR E 207 -22.80 -43.06 9.92
N LYS E 208 -23.37 -44.26 10.02
CA LYS E 208 -24.80 -44.50 9.82
C LYS E 208 -25.68 -43.80 10.87
N ASP E 209 -25.34 -44.00 12.15
CA ASP E 209 -26.18 -43.58 13.27
C ASP E 209 -25.96 -42.13 13.68
N GLU E 210 -24.79 -41.58 13.36
CA GLU E 210 -24.48 -40.18 13.69
C GLU E 210 -25.28 -39.21 12.82
N TYR E 211 -25.79 -39.72 11.70
CA TYR E 211 -26.65 -38.94 10.81
C TYR E 211 -28.13 -39.00 11.27
N GLU E 212 -28.55 -40.17 11.75
N GLU E 212 -28.55 -40.17 11.75
CA GLU E 212 -29.92 -40.40 12.18
CA GLU E 212 -29.92 -40.40 12.18
C GLU E 212 -30.34 -39.58 13.41
C GLU E 212 -30.34 -39.57 13.40
N ARG E 213 -29.37 -38.96 14.08
CA ARG E 213 -29.61 -38.25 15.33
C ARG E 213 -30.05 -36.77 15.22
N HIS E 214 -30.06 -36.21 14.01
CA HIS E 214 -30.38 -34.78 13.84
C HIS E 214 -31.11 -34.48 12.56
N ASN E 215 -31.94 -33.43 12.60
CA ASN E 215 -32.81 -33.08 11.47
C ASN E 215 -32.17 -32.14 10.42
N SER E 216 -32.03 -30.87 10.75
CA SER E 216 -31.56 -29.88 9.77
C SER E 216 -30.03 -29.70 9.77
N TYR E 217 -29.45 -29.73 8.57
CA TYR E 217 -28.00 -29.62 8.36
C TYR E 217 -27.67 -28.35 7.58
N THR E 218 -26.62 -27.65 7.99
CA THR E 218 -26.24 -26.39 7.36
C THR E 218 -24.73 -26.31 7.04
N CYS E 219 -24.43 -25.94 5.80
CA CYS E 219 -23.07 -25.53 5.43
C CYS E 219 -23.10 -24.04 5.10
N GLU E 220 -22.31 -23.25 5.83
CA GLU E 220 -22.24 -21.81 5.58
C GLU E 220 -20.81 -21.34 5.32
N ALA E 221 -20.69 -20.32 4.48
CA ALA E 221 -19.40 -19.79 4.06
C ALA E 221 -19.29 -18.28 4.24
N THR E 222 -18.06 -17.80 4.29
CA THR E 222 -17.77 -16.36 4.33
C THR E 222 -17.01 -15.94 3.07
N HIS E 223 -17.35 -14.76 2.56
CA HIS E 223 -16.78 -14.25 1.31
C HIS E 223 -16.92 -12.74 1.21
N LYS E 224 -15.95 -12.15 0.51
CA LYS E 224 -15.81 -10.70 0.32
C LYS E 224 -17.05 -10.00 -0.28
N THR E 225 -17.92 -10.79 -0.94
CA THR E 225 -19.06 -10.23 -1.68
C THR E 225 -20.27 -9.91 -0.81
N SER E 226 -20.31 -10.42 0.41
CA SER E 226 -21.41 -10.15 1.33
C SER E 226 -20.98 -10.13 2.79
N THR E 227 -21.60 -9.23 3.55
CA THR E 227 -21.33 -9.12 5.00
C THR E 227 -21.98 -10.30 5.74
N SER E 228 -23.10 -10.74 5.22
CA SER E 228 -23.83 -11.89 5.78
C SER E 228 -23.22 -13.19 5.27
N PRO E 229 -22.83 -14.09 6.20
CA PRO E 229 -22.29 -15.40 5.79
C PRO E 229 -23.37 -16.21 5.10
N ILE E 230 -23.19 -16.43 3.79
CA ILE E 230 -24.19 -17.09 2.94
C ILE E 230 -24.61 -18.46 3.46
N VAL E 231 -25.92 -18.63 3.61
CA VAL E 231 -26.49 -19.81 4.25
C VAL E 231 -27.21 -20.73 3.25
N LYS E 232 -26.91 -22.02 3.36
CA LYS E 232 -27.64 -23.05 2.61
C LYS E 232 -27.79 -24.27 3.50
N SER E 233 -29.03 -24.75 3.62
CA SER E 233 -29.37 -25.84 4.55
C SER E 233 -30.51 -26.72 4.06
N PHE E 234 -30.61 -27.86 4.74
CA PHE E 234 -31.64 -28.84 4.52
C PHE E 234 -31.97 -29.56 5.81
N ASN E 235 -33.23 -29.95 5.92
CA ASN E 235 -33.72 -30.65 7.09
C ASN E 235 -33.84 -32.11 6.76
N ARG E 236 -33.67 -32.96 7.74
CA ARG E 236 -33.74 -34.40 7.56
C ARG E 236 -35.16 -34.93 7.81
N CYS F 1 31.69 -24.30 0.26
CA CYS F 1 32.13 -24.76 -1.08
C CYS F 1 31.36 -24.01 -2.19
N GLY F 2 30.05 -23.91 -2.06
CA GLY F 2 29.26 -23.00 -2.92
C GLY F 2 28.94 -23.48 -4.32
N LEU F 3 29.53 -22.81 -5.30
CA LEU F 3 29.19 -23.01 -6.73
C LEU F 3 29.60 -24.37 -7.31
N GLU F 4 30.72 -24.90 -6.85
CA GLU F 4 31.19 -26.25 -7.27
C GLU F 4 30.30 -27.34 -6.69
N CYS F 5 29.83 -27.14 -5.46
CA CYS F 5 28.95 -28.11 -4.80
C CYS F 5 27.53 -28.09 -5.33
N ASN F 6 27.18 -27.04 -6.08
CA ASN F 6 25.88 -26.94 -6.71
C ASN F 6 25.86 -27.50 -8.13
N PHE F 7 26.98 -27.36 -8.85
CA PHE F 7 27.01 -27.72 -10.28
C PHE F 7 28.24 -28.48 -10.77
N GLY F 8 29.06 -28.97 -9.85
CA GLY F 8 30.22 -29.83 -10.22
C GLY F 8 31.52 -29.07 -10.28
#